data_4NHF
#
_entry.id   4NHF
#
_cell.length_a   62.950
_cell.length_b   87.650
_cell.length_c   191.830
_cell.angle_alpha   90.000
_cell.angle_beta   90.000
_cell.angle_gamma   90.000
#
_symmetry.space_group_name_H-M   'P 21 21 21'
#
loop_
_entity.id
_entity.type
_entity.pdbx_description
1 polymer 'TrwG protein'
2 non-polymer 'CALCIUM ION'
3 water water
#
_entity_poly.entity_id   1
_entity_poly.type   'polypeptide(L)'
_entity_poly.pdbx_seq_one_letter_code
;MAHHHHHHMQPAPTPLVLRVDNTTGAVDVISVMREHETSYGEVVDRYWLNQYVLNRENYDYDTIQLNYDTTALLSAASVQ
QEYYKIYDGENARDKVLSNKARITVKVRSIQLNGLGQATVRFTTQQLDSSGATTGPKQHQIATIGYTYVGAPMKSSDRLL
NPLGFQITSYRSDPEILLND
;
_entity_poly.pdbx_strand_id   A,B,C,D,E,F
#
loop_
_chem_comp.id
_chem_comp.type
_chem_comp.name
_chem_comp.formula
CA non-polymer 'CALCIUM ION' 'Ca 2'
#
# COMPACT_ATOMS: atom_id res chain seq x y z
N HIS A 36 -9.61 29.28 -21.11
CA HIS A 36 -10.88 28.78 -21.71
C HIS A 36 -11.71 28.04 -20.68
N GLU A 37 -13.03 27.93 -20.88
CA GLU A 37 -13.86 27.20 -19.90
C GLU A 37 -14.15 25.82 -20.47
N THR A 38 -14.27 24.85 -19.57
CA THR A 38 -14.51 23.47 -19.94
C THR A 38 -15.74 22.90 -19.23
N SER A 39 -16.41 21.99 -19.94
N SER A 39 -16.42 21.97 -19.90
CA SER A 39 -17.48 21.14 -19.40
CA SER A 39 -17.50 21.19 -19.28
C SER A 39 -16.92 19.76 -19.09
C SER A 39 -17.12 19.71 -19.21
N TYR A 40 -17.52 19.10 -18.11
CA TYR A 40 -17.08 17.78 -17.73
C TYR A 40 -18.22 16.79 -17.64
N GLY A 41 -19.45 17.25 -17.75
CA GLY A 41 -20.57 16.30 -17.66
C GLY A 41 -21.08 16.17 -16.23
N GLU A 42 -22.24 15.52 -16.11
CA GLU A 42 -23.03 15.56 -14.90
C GLU A 42 -22.39 14.85 -13.68
N VAL A 43 -21.70 13.73 -13.89
CA VAL A 43 -21.08 13.00 -12.78
C VAL A 43 -20.00 13.86 -12.09
N VAL A 44 -19.19 14.50 -12.91
CA VAL A 44 -18.14 15.35 -12.41
C VAL A 44 -18.73 16.64 -11.77
N ASP A 45 -19.75 17.25 -12.41
CA ASP A 45 -20.38 18.44 -11.84
C ASP A 45 -20.97 18.16 -10.47
N ARG A 46 -21.68 17.05 -10.32
CA ARG A 46 -22.27 16.68 -9.06
C ARG A 46 -21.22 16.51 -7.99
N TYR A 47 -20.11 15.85 -8.32
CA TYR A 47 -18.98 15.78 -7.39
C TYR A 47 -18.61 17.15 -6.79
N TRP A 48 -18.30 18.09 -7.66
CA TRP A 48 -17.80 19.39 -7.26
C TRP A 48 -18.88 20.27 -6.60
N LEU A 49 -20.11 20.20 -7.10
CA LEU A 49 -21.18 20.97 -6.48
C LEU A 49 -21.46 20.47 -5.06
N ASN A 50 -21.51 19.14 -4.90
CA ASN A 50 -21.63 18.57 -3.59
C ASN A 50 -20.48 18.97 -2.69
N GLN A 51 -19.22 18.86 -3.14
CA GLN A 51 -18.11 19.29 -2.26
C GLN A 51 -18.26 20.78 -1.85
N TYR A 52 -18.72 21.60 -2.77
CA TYR A 52 -18.82 23.03 -2.48
C TYR A 52 -19.85 23.30 -1.38
N VAL A 53 -21.01 22.70 -1.50
CA VAL A 53 -22.08 22.96 -0.56
C VAL A 53 -21.66 22.39 0.78
N LEU A 54 -21.09 21.17 0.78
CA LEU A 54 -20.58 20.55 2.02
C LEU A 54 -19.53 21.40 2.71
N ASN A 55 -18.65 22.05 1.95
CA ASN A 55 -17.67 22.92 2.61
C ASN A 55 -18.23 24.29 3.02
N ARG A 56 -19.03 24.88 2.14
CA ARG A 56 -19.51 26.20 2.46
C ARG A 56 -20.53 26.23 3.62
N GLU A 57 -21.39 25.22 3.71
CA GLU A 57 -22.52 25.28 4.62
C GLU A 57 -22.22 24.61 5.94
N ASN A 58 -21.14 23.83 6.01
CA ASN A 58 -20.69 23.16 7.26
C ASN A 58 -20.15 24.20 8.25
N TYR A 59 -20.31 23.99 9.57
CA TYR A 59 -19.52 24.75 10.53
C TYR A 59 -18.99 23.77 11.55
N ASP A 60 -17.66 23.70 11.68
CA ASP A 60 -17.00 22.83 12.66
C ASP A 60 -15.76 23.60 13.03
N TYR A 61 -15.64 24.02 14.29
CA TYR A 61 -14.49 24.79 14.74
C TYR A 61 -13.17 24.09 14.30
N ASP A 62 -13.14 22.76 14.35
CA ASP A 62 -11.90 22.04 14.16
C ASP A 62 -11.55 22.01 12.63
N THR A 63 -12.49 22.26 11.74
CA THR A 63 -12.18 22.24 10.33
C THR A 63 -12.45 23.58 9.62
N ILE A 64 -12.61 24.67 10.36
CA ILE A 64 -12.87 25.97 9.73
C ILE A 64 -11.85 26.30 8.67
N GLN A 65 -10.56 26.11 8.97
CA GLN A 65 -9.50 26.47 8.02
C GLN A 65 -9.72 25.79 6.72
N LEU A 66 -9.86 24.47 6.76
CA LEU A 66 -10.12 23.70 5.56
C LEU A 66 -11.44 24.05 4.82
N ASN A 67 -12.54 24.18 5.58
CA ASN A 67 -13.81 24.52 4.94
C ASN A 67 -13.78 25.89 4.27
N TYR A 68 -13.26 26.87 4.99
CA TYR A 68 -13.15 28.24 4.50
C TYR A 68 -12.20 28.34 3.31
N ASP A 69 -11.00 27.76 3.44
CA ASP A 69 -10.06 27.76 2.34
C ASP A 69 -10.61 27.08 1.09
N THR A 70 -11.27 25.94 1.26
CA THR A 70 -11.81 25.22 0.12
C THR A 70 -12.91 26.03 -0.54
N THR A 71 -13.80 26.55 0.29
CA THR A 71 -14.91 27.35 -0.23
C THR A 71 -14.33 28.51 -1.04
N ALA A 72 -13.36 29.24 -0.46
CA ALA A 72 -12.78 30.41 -1.12
C ALA A 72 -12.15 30.01 -2.46
N LEU A 73 -11.38 28.93 -2.46
CA LEU A 73 -10.68 28.51 -3.68
C LEU A 73 -11.61 28.10 -4.81
N LEU A 74 -12.75 27.52 -4.45
CA LEU A 74 -13.75 27.11 -5.42
C LEU A 74 -14.74 28.21 -5.89
N SER A 75 -14.57 29.44 -5.43
CA SER A 75 -15.51 30.52 -5.66
C SER A 75 -14.87 31.60 -6.52
N ALA A 76 -15.61 32.07 -7.52
CA ALA A 76 -15.17 33.28 -8.26
C ALA A 76 -15.05 34.49 -7.29
N ALA A 77 -14.40 35.55 -7.72
CA ALA A 77 -14.08 36.69 -6.79
C ALA A 77 -15.32 37.31 -6.11
N SER A 78 -16.38 37.59 -6.88
CA SER A 78 -17.56 38.17 -6.25
C SER A 78 -18.22 37.22 -5.24
N VAL A 79 -18.16 35.91 -5.52
CA VAL A 79 -18.76 34.93 -4.66
C VAL A 79 -17.95 34.80 -3.36
N GLN A 80 -16.61 34.84 -3.50
CA GLN A 80 -15.75 34.88 -2.35
C GLN A 80 -16.16 35.96 -1.40
N GLN A 81 -16.41 37.15 -1.92
CA GLN A 81 -16.71 38.29 -1.07
C GLN A 81 -18.03 38.12 -0.36
N GLU A 82 -19.00 37.53 -1.02
CA GLU A 82 -20.27 37.21 -0.39
C GLU A 82 -20.07 36.21 0.72
N TYR A 83 -19.25 35.19 0.48
CA TYR A 83 -18.97 34.14 1.48
C TYR A 83 -18.20 34.73 2.66
N TYR A 84 -17.19 35.56 2.38
CA TYR A 84 -16.44 36.18 3.47
C TYR A 84 -17.28 37.00 4.47
N LYS A 85 -18.33 37.62 3.96
CA LYS A 85 -19.22 38.40 4.80
C LYS A 85 -19.78 37.57 5.93
N ILE A 86 -20.02 36.29 5.71
CA ILE A 86 -20.53 35.41 6.78
C ILE A 86 -19.56 35.27 7.97
N TYR A 87 -18.28 35.40 7.65
CA TYR A 87 -17.21 35.33 8.62
C TYR A 87 -16.51 36.69 8.87
N ASP A 88 -17.21 37.79 8.62
CA ASP A 88 -16.71 39.14 8.94
C ASP A 88 -17.61 39.85 9.93
N GLY A 89 -17.08 40.89 10.54
CA GLY A 89 -17.86 41.71 11.44
C GLY A 89 -18.27 41.03 12.75
N GLU A 90 -19.26 41.64 13.40
CA GLU A 90 -19.68 41.31 14.77
C GLU A 90 -20.55 40.04 14.84
N ASN A 91 -21.30 39.74 13.78
CA ASN A 91 -22.03 38.47 13.68
C ASN A 91 -21.22 37.44 12.90
N ALA A 92 -19.89 37.59 12.84
CA ALA A 92 -19.06 36.60 12.16
C ALA A 92 -19.30 35.20 12.73
N ARG A 93 -19.53 34.24 11.84
CA ARG A 93 -19.98 32.91 12.25
C ARG A 93 -18.97 32.26 13.20
N ASP A 94 -17.70 32.37 12.87
CA ASP A 94 -16.68 31.77 13.72
C ASP A 94 -16.58 32.44 15.09
N LYS A 95 -16.83 33.75 15.18
CA LYS A 95 -16.84 34.48 16.46
C LYS A 95 -18.09 34.16 17.26
N VAL A 96 -19.26 34.17 16.61
CA VAL A 96 -20.52 33.86 17.27
C VAL A 96 -20.58 32.41 17.77
N LEU A 97 -20.33 31.43 16.91
CA LEU A 97 -20.41 30.01 17.30
C LEU A 97 -19.17 29.45 17.96
N SER A 98 -18.02 30.07 17.69
CA SER A 98 -16.74 29.68 18.25
C SER A 98 -16.58 28.14 18.29
N ASN A 99 -16.18 27.59 19.44
CA ASN A 99 -16.13 26.13 19.58
C ASN A 99 -17.37 25.60 20.31
N LYS A 100 -18.43 26.41 20.38
CA LYS A 100 -19.60 26.06 21.15
C LYS A 100 -20.70 25.35 20.37
N ALA A 101 -20.65 25.38 19.03
CA ALA A 101 -21.63 24.72 18.23
C ALA A 101 -21.08 24.24 16.85
N ARG A 102 -21.87 23.37 16.22
CA ARG A 102 -21.60 22.90 14.87
CA ARG A 102 -21.61 22.88 14.87
C ARG A 102 -22.84 23.09 14.02
N ILE A 103 -22.65 23.10 12.71
CA ILE A 103 -23.76 23.05 11.79
C ILE A 103 -23.39 21.91 10.84
N THR A 104 -24.23 20.88 10.84
CA THR A 104 -24.03 19.76 9.96
C THR A 104 -24.91 19.96 8.72
N VAL A 105 -24.47 19.40 7.59
CA VAL A 105 -25.14 19.55 6.27
C VAL A 105 -25.41 18.20 5.68
N LYS A 106 -26.64 17.97 5.24
CA LYS A 106 -26.96 16.81 4.44
C LYS A 106 -27.47 17.26 3.10
N VAL A 107 -26.81 16.84 2.03
CA VAL A 107 -27.30 17.14 0.69
C VAL A 107 -28.36 16.11 0.29
N ARG A 108 -29.53 16.58 -0.10
CA ARG A 108 -30.59 15.69 -0.47
C ARG A 108 -30.66 15.41 -1.97
N SER A 109 -30.46 16.42 -2.79
CA SER A 109 -30.56 16.24 -4.25
C SER A 109 -29.89 17.35 -4.98
N ILE A 110 -29.47 17.06 -6.20
CA ILE A 110 -28.71 18.02 -6.99
C ILE A 110 -29.31 17.96 -8.39
N GLN A 111 -29.84 19.07 -8.86
CA GLN A 111 -30.35 19.14 -10.23
C GLN A 111 -29.45 20.04 -11.04
N LEU A 112 -29.17 19.63 -12.28
CA LEU A 112 -28.43 20.43 -13.24
C LEU A 112 -29.28 20.84 -14.44
N ASN A 113 -29.09 22.04 -14.96
CA ASN A 113 -29.66 22.34 -16.30
C ASN A 113 -28.69 22.23 -17.48
N GLY A 114 -27.50 21.73 -17.26
CA GLY A 114 -26.57 21.46 -18.36
C GLY A 114 -25.96 22.70 -19.04
N LEU A 115 -26.33 23.91 -18.59
CA LEU A 115 -25.72 25.13 -19.09
C LEU A 115 -24.96 25.95 -18.01
N GLY A 116 -24.47 25.31 -16.95
CA GLY A 116 -23.75 26.02 -15.91
C GLY A 116 -24.62 26.43 -14.71
N GLN A 117 -25.81 25.85 -14.62
CA GLN A 117 -26.73 26.19 -13.57
C GLN A 117 -27.14 24.92 -12.86
N ALA A 118 -27.28 25.03 -11.55
CA ALA A 118 -27.71 23.90 -10.72
C ALA A 118 -28.51 24.36 -9.52
N THR A 119 -29.32 23.45 -9.00
CA THR A 119 -30.01 23.63 -7.74
CA THR A 119 -29.96 23.67 -7.71
C THR A 119 -29.56 22.52 -6.83
N VAL A 120 -29.23 22.86 -5.57
CA VAL A 120 -28.92 21.85 -4.58
C VAL A 120 -29.89 21.98 -3.41
N ARG A 121 -30.62 20.91 -3.15
CA ARG A 121 -31.53 20.83 -2.02
C ARG A 121 -30.79 20.18 -0.83
N PHE A 122 -30.71 20.87 0.28
CA PHE A 122 -29.98 20.37 1.43
C PHE A 122 -30.62 20.77 2.75
N THR A 123 -30.27 20.07 3.82
CA THR A 123 -30.64 20.53 5.20
C THR A 123 -29.42 20.82 6.03
N THR A 124 -29.60 21.75 6.96
CA THR A 124 -28.63 22.02 7.97
C THR A 124 -29.24 21.86 9.36
N GLN A 125 -28.40 21.48 10.31
CA GLN A 125 -28.84 21.29 11.68
C GLN A 125 -27.80 21.81 12.59
N GLN A 126 -28.19 22.72 13.48
CA GLN A 126 -27.24 23.27 14.45
C GLN A 126 -27.20 22.35 15.65
N LEU A 127 -26.00 22.11 16.17
CA LEU A 127 -25.83 21.32 17.40
C LEU A 127 -25.07 22.11 18.46
N ASP A 128 -25.34 21.85 19.73
CA ASP A 128 -24.69 22.59 20.80
C ASP A 128 -23.34 21.93 21.16
N SER A 129 -22.72 22.42 22.22
CA SER A 129 -21.40 21.96 22.62
C SER A 129 -21.43 20.54 23.16
N SER A 130 -22.61 20.00 23.45
CA SER A 130 -22.76 18.61 23.82
C SER A 130 -23.25 17.70 22.69
N GLY A 131 -23.26 18.18 21.44
CA GLY A 131 -23.78 17.40 20.29
C GLY A 131 -25.30 17.24 20.20
N ALA A 132 -26.05 17.94 21.06
CA ALA A 132 -27.50 17.94 21.06
C ALA A 132 -28.02 18.95 20.06
N THR A 133 -29.18 18.67 19.45
CA THR A 133 -29.73 19.54 18.41
C THR A 133 -30.26 20.78 19.09
N THR A 134 -30.05 21.94 18.50
CA THR A 134 -30.64 23.19 18.97
C THR A 134 -31.37 23.71 17.77
N GLY A 135 -32.70 23.69 17.83
CA GLY A 135 -33.48 24.21 16.71
C GLY A 135 -33.85 23.16 15.68
N PRO A 136 -34.88 23.47 14.88
CA PRO A 136 -35.28 22.50 13.87
C PRO A 136 -34.24 22.39 12.73
N LYS A 137 -34.29 21.27 12.02
CA LYS A 137 -33.64 21.16 10.71
C LYS A 137 -34.09 22.31 9.85
N GLN A 138 -33.15 22.90 9.11
CA GLN A 138 -33.51 23.91 8.12
C GLN A 138 -33.36 23.31 6.74
N HIS A 139 -34.43 23.42 5.97
CA HIS A 139 -34.47 23.02 4.58
C HIS A 139 -34.16 24.21 3.74
N GLN A 140 -33.12 24.01 2.96
CA GLN A 140 -32.52 25.04 2.17
C GLN A 140 -32.43 24.58 0.74
N ILE A 141 -32.33 25.57 -0.12
CA ILE A 141 -32.08 25.37 -1.56
C ILE A 141 -30.97 26.30 -1.96
N ALA A 142 -29.89 25.76 -2.56
CA ALA A 142 -28.82 26.58 -3.11
C ALA A 142 -29.05 26.68 -4.64
N THR A 143 -29.09 27.91 -5.17
CA THR A 143 -29.18 28.20 -6.61
C THR A 143 -27.79 28.63 -7.06
N ILE A 144 -27.19 27.85 -7.97
CA ILE A 144 -25.76 27.94 -8.26
C ILE A 144 -25.50 28.15 -9.75
N GLY A 145 -24.55 29.02 -10.05
CA GLY A 145 -23.95 29.11 -11.37
C GLY A 145 -22.53 28.63 -11.23
N TYR A 146 -22.03 27.85 -12.21
CA TYR A 146 -20.70 27.35 -12.14
C TYR A 146 -20.07 27.12 -13.50
N THR A 147 -18.75 27.05 -13.49
CA THR A 147 -17.98 26.72 -14.70
C THR A 147 -16.67 26.08 -14.27
N TYR A 148 -15.81 25.74 -15.21
CA TYR A 148 -14.45 25.35 -14.90
C TYR A 148 -13.49 26.11 -15.73
N VAL A 149 -12.44 26.65 -15.11
CA VAL A 149 -11.52 27.57 -15.81
C VAL A 149 -10.10 27.08 -16.12
N GLY A 150 -9.77 25.86 -15.74
CA GLY A 150 -8.43 25.30 -15.90
C GLY A 150 -7.66 25.33 -14.57
N ALA A 151 -6.63 24.52 -14.52
CA ALA A 151 -5.92 24.32 -13.25
C ALA A 151 -5.27 25.63 -12.81
N PRO A 152 -5.38 25.98 -11.50
CA PRO A 152 -4.73 27.17 -10.96
C PRO A 152 -3.22 27.12 -11.07
N MET A 153 -2.59 28.28 -11.08
CA MET A 153 -1.13 28.33 -11.14
C MET A 153 -0.48 27.97 -9.82
N LYS A 154 -1.02 28.45 -8.71
CA LYS A 154 -0.43 28.18 -7.38
C LYS A 154 -0.54 26.69 -7.02
N SER A 155 0.59 26.08 -6.64
CA SER A 155 0.66 24.64 -6.29
C SER A 155 -0.41 24.14 -5.35
N SER A 156 -0.57 24.86 -4.25
CA SER A 156 -1.48 24.46 -3.19
C SER A 156 -2.90 24.46 -3.68
N ASP A 157 -3.21 25.44 -4.54
CA ASP A 157 -4.53 25.61 -5.12
C ASP A 157 -4.80 24.55 -6.17
N ARG A 158 -3.80 24.31 -7.00
CA ARG A 158 -3.90 23.29 -8.02
C ARG A 158 -4.12 21.91 -7.43
N LEU A 159 -3.61 21.68 -6.21
CA LEU A 159 -3.69 20.37 -5.56
C LEU A 159 -5.07 20.12 -5.07
N LEU A 160 -5.82 21.20 -4.74
CA LEU A 160 -7.19 21.13 -4.25
C LEU A 160 -8.27 21.47 -5.29
N ASN A 161 -7.88 21.91 -6.49
CA ASN A 161 -8.86 22.32 -7.52
C ASN A 161 -8.25 22.09 -8.87
N PRO A 162 -8.02 20.84 -9.21
CA PRO A 162 -7.29 20.55 -10.41
C PRO A 162 -7.92 20.99 -11.70
N LEU A 163 -9.24 21.06 -11.76
CA LEU A 163 -9.90 21.52 -12.99
C LEU A 163 -10.23 23.03 -13.07
N GLY A 164 -9.94 23.78 -12.02
CA GLY A 164 -10.40 25.16 -11.82
C GLY A 164 -11.92 25.31 -11.80
N PHE A 165 -12.59 24.42 -11.08
CA PHE A 165 -13.99 24.59 -10.76
C PHE A 165 -14.17 25.96 -10.13
N GLN A 166 -15.23 26.66 -10.54
CA GLN A 166 -15.55 27.97 -10.03
C GLN A 166 -17.05 28.19 -9.92
N ILE A 167 -17.49 28.48 -8.73
CA ILE A 167 -18.87 28.90 -8.47
C ILE A 167 -18.92 30.38 -8.87
N THR A 168 -19.74 30.72 -9.85
CA THR A 168 -19.87 32.12 -10.28
C THR A 168 -21.04 32.87 -9.69
N SER A 169 -22.02 32.12 -9.19
CA SER A 169 -23.09 32.70 -8.34
C SER A 169 -23.60 31.66 -7.36
N TYR A 170 -23.99 32.12 -6.21
CA TYR A 170 -24.44 31.23 -5.17
C TYR A 170 -25.31 31.97 -4.21
N ARG A 171 -26.51 31.43 -4.00
CA ARG A 171 -27.35 31.87 -2.89
CA ARG A 171 -27.43 31.90 -2.96
C ARG A 171 -28.11 30.68 -2.35
N SER A 172 -28.26 30.68 -1.03
N SER A 172 -28.24 30.67 -1.03
CA SER A 172 -28.98 29.64 -0.32
CA SER A 172 -28.99 29.64 -0.34
C SER A 172 -30.19 30.29 0.34
C SER A 172 -30.21 30.33 0.28
N ASP A 173 -31.36 29.69 0.16
CA ASP A 173 -32.64 30.28 0.54
C ASP A 173 -33.47 29.17 1.20
N PRO A 174 -34.28 29.51 2.22
CA PRO A 174 -35.13 28.53 2.86
C PRO A 174 -36.04 27.90 1.81
N GLU A 175 -36.29 26.60 1.89
CA GLU A 175 -37.32 25.98 1.05
C GLU A 175 -38.57 26.10 1.87
N ILE A 176 -39.59 26.76 1.35
CA ILE A 176 -40.84 26.88 2.10
C ILE A 176 -41.75 25.73 1.73
N LEU A 177 -41.97 24.83 2.68
CA LEU A 177 -42.85 23.69 2.45
C LEU A 177 -44.27 24.18 2.57
N LEU A 178 -44.96 24.17 1.44
CA LEU A 178 -46.34 24.60 1.40
C LEU A 178 -47.15 23.37 1.80
N ASN A 179 -48.36 23.60 2.25
CA ASN A 179 -49.35 22.51 2.45
C ASN A 179 -48.98 21.57 3.59
N SER B 39 -4.55 6.58 -16.31
CA SER B 39 -4.37 7.72 -15.39
C SER B 39 -4.95 8.94 -16.07
N TYR B 40 -5.36 9.92 -15.28
CA TYR B 40 -5.84 11.16 -15.85
C TYR B 40 -4.76 12.22 -15.94
N GLY B 41 -3.50 11.85 -15.76
CA GLY B 41 -2.38 12.80 -15.79
C GLY B 41 -1.98 13.28 -14.39
N GLU B 42 -0.90 14.03 -14.34
CA GLU B 42 -0.31 14.43 -13.10
C GLU B 42 -1.22 15.24 -12.16
N VAL B 43 -1.88 16.26 -12.69
CA VAL B 43 -2.64 17.18 -11.84
C VAL B 43 -3.84 16.47 -11.24
N VAL B 44 -4.57 15.70 -12.03
CA VAL B 44 -5.69 14.93 -11.48
C VAL B 44 -5.25 13.79 -10.51
N ASP B 45 -4.21 13.03 -10.87
CA ASP B 45 -3.76 11.94 -10.03
C ASP B 45 -3.32 12.46 -8.65
N ARG B 46 -2.61 13.56 -8.65
CA ARG B 46 -2.14 14.15 -7.42
CA ARG B 46 -2.13 14.20 -7.44
C ARG B 46 -3.31 14.63 -6.57
N TYR B 47 -4.36 15.19 -7.20
CA TYR B 47 -5.57 15.58 -6.45
C TYR B 47 -6.08 14.36 -5.68
N TRP B 48 -6.23 13.25 -6.38
CA TRP B 48 -6.82 12.08 -5.74
C TRP B 48 -5.89 11.40 -4.72
N LEU B 49 -4.59 11.34 -5.02
CA LEU B 49 -3.66 10.76 -4.05
C LEU B 49 -3.64 11.55 -2.79
N ASN B 50 -3.63 12.87 -2.91
CA ASN B 50 -3.63 13.75 -1.78
C ASN B 50 -4.91 13.56 -0.99
N GLN B 51 -6.09 13.58 -1.63
CA GLN B 51 -7.31 13.35 -0.85
C GLN B 51 -7.28 11.96 -0.15
N TYR B 52 -6.69 10.95 -0.79
CA TYR B 52 -6.65 9.64 -0.17
C TYR B 52 -5.85 9.61 1.14
N VAL B 53 -4.65 10.21 1.12
CA VAL B 53 -3.78 10.21 2.24
C VAL B 53 -4.43 11.05 3.33
N LEU B 54 -5.05 12.18 2.95
CA LEU B 54 -5.64 13.07 3.94
C LEU B 54 -6.79 12.39 4.63
N ASN B 55 -7.58 11.63 3.89
CA ASN B 55 -8.66 10.90 4.53
C ASN B 55 -8.19 9.67 5.33
N ARG B 56 -7.28 8.88 4.78
CA ARG B 56 -6.86 7.69 5.53
C ARG B 56 -6.06 7.92 6.79
N GLU B 57 -5.19 8.93 6.77
CA GLU B 57 -4.22 9.13 7.80
C GLU B 57 -4.74 10.13 8.87
N ASN B 58 -5.81 10.89 8.55
CA ASN B 58 -6.48 11.78 9.52
C ASN B 58 -7.20 11.01 10.64
N TYR B 59 -7.31 11.57 11.86
CA TYR B 59 -8.22 11.04 12.81
C TYR B 59 -8.85 12.18 13.59
N ASP B 60 -10.19 12.17 13.56
CA ASP B 60 -11.05 13.16 14.21
C ASP B 60 -12.34 12.39 14.44
N TYR B 61 -12.69 12.21 15.72
CA TYR B 61 -13.90 11.48 16.06
C TYR B 61 -15.09 11.99 15.31
N ASP B 62 -15.17 13.31 15.10
CA ASP B 62 -16.35 13.88 14.47
C ASP B 62 -16.46 13.63 12.98
N THR B 63 -15.35 13.28 12.33
CA THR B 63 -15.34 13.01 10.89
C THR B 63 -14.98 11.57 10.50
N ILE B 64 -14.94 10.65 11.46
CA ILE B 64 -14.63 9.21 11.20
C ILE B 64 -15.48 8.64 10.10
N GLN B 65 -16.79 8.79 10.20
CA GLN B 65 -17.73 8.29 9.17
C GLN B 65 -17.31 8.74 7.80
N LEU B 66 -17.11 10.03 7.62
CA LEU B 66 -16.70 10.51 6.30
C LEU B 66 -15.27 10.05 5.88
N ASN B 67 -14.29 10.11 6.76
CA ASN B 67 -12.91 9.69 6.44
C ASN B 67 -12.84 8.18 6.12
N TYR B 68 -13.46 7.38 6.96
CA TYR B 68 -13.49 5.96 6.80
C TYR B 68 -14.24 5.52 5.53
N ASP B 69 -15.45 6.04 5.32
CA ASP B 69 -16.23 5.73 4.12
C ASP B 69 -15.47 6.13 2.86
N THR B 70 -14.90 7.33 2.89
CA THR B 70 -14.11 7.83 1.80
C THR B 70 -12.84 6.97 1.50
N THR B 71 -12.11 6.68 2.55
CA THR B 71 -10.94 5.84 2.40
C THR B 71 -11.35 4.51 1.81
N ALA B 72 -12.42 3.89 2.37
CA ALA B 72 -12.89 2.59 1.89
C ALA B 72 -13.30 2.63 0.43
N LEU B 73 -14.03 3.66 0.05
CA LEU B 73 -14.58 3.73 -1.29
C LEU B 73 -13.49 3.99 -2.38
N LEU B 74 -12.40 4.67 -1.98
CA LEU B 74 -11.26 4.89 -2.84
C LEU B 74 -10.25 3.73 -2.88
N SER B 75 -10.56 2.63 -2.19
CA SER B 75 -9.61 1.54 -1.98
C SER B 75 -10.10 0.30 -2.65
N ALA B 76 -9.22 -0.37 -3.39
CA ALA B 76 -9.48 -1.72 -3.91
C ALA B 76 -9.75 -2.65 -2.73
N ALA B 77 -10.40 -3.77 -2.99
CA ALA B 77 -10.82 -4.70 -1.93
C ALA B 77 -9.71 -5.14 -0.94
N SER B 78 -8.58 -5.61 -1.46
CA SER B 78 -7.47 -6.01 -0.58
C SER B 78 -7.00 -4.82 0.31
N VAL B 79 -6.90 -3.62 -0.29
CA VAL B 79 -6.47 -2.43 0.44
C VAL B 79 -7.47 -2.06 1.54
N GLN B 80 -8.78 -2.12 1.25
CA GLN B 80 -9.83 -1.94 2.23
C GLN B 80 -9.62 -2.82 3.47
N GLN B 81 -9.34 -4.10 3.25
CA GLN B 81 -9.16 -4.99 4.39
C GLN B 81 -7.96 -4.57 5.17
N GLU B 82 -6.92 -4.13 4.49
CA GLU B 82 -5.76 -3.65 5.24
C GLU B 82 -6.10 -2.44 6.05
N TYR B 83 -6.80 -1.49 5.45
CA TYR B 83 -7.24 -0.31 6.17
C TYR B 83 -8.15 -0.62 7.36
N TYR B 84 -9.13 -1.50 7.16
CA TYR B 84 -10.07 -1.87 8.21
C TYR B 84 -9.41 -2.34 9.51
N LYS B 85 -8.27 -3.02 9.41
CA LYS B 85 -7.54 -3.50 10.58
C LYS B 85 -7.24 -2.42 11.59
N ILE B 86 -6.94 -1.23 11.10
CA ILE B 86 -6.64 -0.09 11.94
C ILE B 86 -7.81 0.24 12.89
N TYR B 87 -9.04 -0.09 12.49
CA TYR B 87 -10.24 0.23 13.24
C TYR B 87 -10.97 -1.01 13.79
N ASP B 88 -10.22 -2.09 14.03
CA ASP B 88 -10.76 -3.37 14.56
C ASP B 88 -9.89 -3.85 15.71
N GLY B 89 -10.48 -4.61 16.62
CA GLY B 89 -9.72 -5.22 17.72
C GLY B 89 -9.52 -4.31 18.91
N GLU B 90 -8.82 -4.80 19.93
CA GLU B 90 -8.72 -4.09 21.23
C GLU B 90 -7.97 -2.77 21.07
N ASN B 91 -7.07 -2.70 20.08
CA ASN B 91 -6.32 -1.50 19.80
C ASN B 91 -6.88 -0.65 18.62
N ALA B 92 -8.14 -0.86 18.26
CA ALA B 92 -8.78 -0.05 17.23
C ALA B 92 -8.62 1.45 17.51
N ARG B 93 -8.25 2.17 16.46
CA ARG B 93 -7.97 3.60 16.54
C ARG B 93 -9.11 4.38 17.20
N ASP B 94 -10.34 4.16 16.74
CA ASP B 94 -11.48 4.86 17.27
C ASP B 94 -11.77 4.48 18.71
N LYS B 95 -11.65 3.21 19.09
CA LYS B 95 -11.71 2.80 20.53
C LYS B 95 -10.63 3.44 21.37
N VAL B 96 -9.38 3.43 20.93
CA VAL B 96 -8.31 3.95 21.76
C VAL B 96 -8.35 5.50 21.81
N LEU B 97 -8.45 6.18 20.67
CA LEU B 97 -8.41 7.65 20.66
C LEU B 97 -9.76 8.31 21.02
N SER B 98 -10.85 7.62 20.72
CA SER B 98 -12.21 8.11 20.99
C SER B 98 -12.30 9.56 20.53
N ASN B 99 -12.84 10.47 21.35
CA ASN B 99 -12.69 11.88 21.08
C ASN B 99 -11.76 12.58 22.10
N LYS B 100 -10.74 11.85 22.55
CA LYS B 100 -9.72 12.40 23.42
C LYS B 100 -8.57 13.02 22.65
N ALA B 101 -8.41 12.62 21.38
CA ALA B 101 -7.27 13.05 20.63
C ALA B 101 -7.62 13.05 19.14
N ARG B 102 -6.88 13.85 18.38
CA ARG B 102 -7.01 13.88 16.89
C ARG B 102 -5.65 13.60 16.29
N ILE B 103 -5.60 13.24 15.02
CA ILE B 103 -4.33 13.11 14.28
C ILE B 103 -4.44 13.96 13.05
N THR B 104 -3.51 14.90 12.95
CA THR B 104 -3.54 15.82 11.91
C THR B 104 -2.44 15.42 10.91
N VAL B 105 -2.71 15.61 9.65
CA VAL B 105 -1.83 15.10 8.57
C VAL B 105 -1.40 16.33 7.73
N LYS B 106 -0.10 16.48 7.47
CA LYS B 106 0.37 17.46 6.46
C LYS B 106 1.17 16.70 5.39
N VAL B 107 0.76 16.85 4.16
CA VAL B 107 1.45 16.28 2.99
C VAL B 107 2.52 17.23 2.53
N ARG B 108 3.75 16.73 2.46
CA ARG B 108 4.86 17.55 2.10
C ARG B 108 5.15 17.45 0.62
N SER B 109 5.10 16.24 0.05
CA SER B 109 5.34 16.09 -1.38
C SER B 109 4.70 14.83 -1.97
N ILE B 110 4.49 14.84 -3.28
CA ILE B 110 3.96 13.71 -3.98
C ILE B 110 4.78 13.48 -5.25
N GLN B 111 5.32 12.28 -5.41
CA GLN B 111 6.05 11.94 -6.63
C GLN B 111 5.24 10.89 -7.30
N LEU B 112 5.12 11.02 -8.62
CA LEU B 112 4.48 10.04 -9.47
C LEU B 112 5.54 9.38 -10.29
N ASN B 113 5.58 8.07 -10.21
CA ASN B 113 6.73 7.32 -10.69
C ASN B 113 6.28 6.59 -11.89
N GLY B 114 5.55 7.34 -12.74
CA GLY B 114 4.77 6.81 -13.85
C GLY B 114 4.11 5.50 -13.51
N LEU B 115 3.36 4.98 -14.48
CA LEU B 115 2.92 3.61 -14.45
C LEU B 115 1.97 3.26 -13.31
N GLY B 116 1.26 4.22 -12.74
CA GLY B 116 0.36 3.90 -11.62
C GLY B 116 0.99 3.73 -10.23
N GLN B 117 2.19 4.30 -10.05
CA GLN B 117 2.87 4.28 -8.73
C GLN B 117 3.14 5.67 -8.27
N ALA B 118 3.20 5.85 -6.96
CA ALA B 118 3.40 7.15 -6.37
C ALA B 118 3.95 7.00 -4.97
N THR B 119 4.63 8.04 -4.48
CA THR B 119 5.09 8.08 -3.12
C THR B 119 4.63 9.43 -2.57
N VAL B 120 4.12 9.41 -1.36
CA VAL B 120 3.64 10.59 -0.68
C VAL B 120 4.38 10.70 0.64
N ARG B 121 5.08 11.82 0.74
CA ARG B 121 5.84 12.16 1.90
C ARG B 121 4.96 13.09 2.78
N PHE B 122 4.69 12.63 4.00
CA PHE B 122 3.81 13.37 4.89
C PHE B 122 4.17 13.21 6.38
N THR B 123 3.61 14.08 7.20
CA THR B 123 3.75 13.97 8.66
C THR B 123 2.40 13.80 9.30
N THR B 124 2.42 13.09 10.43
CA THR B 124 1.27 13.07 11.31
C THR B 124 1.65 13.52 12.72
N GLN B 125 0.68 14.05 13.45
CA GLN B 125 0.90 14.54 14.78
C GLN B 125 -0.37 14.48 15.58
N GLN B 126 -0.27 14.00 16.81
CA GLN B 126 -1.45 13.84 17.69
C GLN B 126 -1.71 15.13 18.47
N LEU B 127 -2.99 15.50 18.57
CA LEU B 127 -3.43 16.79 19.18
C LEU B 127 -4.42 16.60 20.34
N ASP B 128 -4.45 17.59 21.24
CA ASP B 128 -5.52 17.76 22.23
C ASP B 128 -6.63 18.60 21.58
N SER B 129 -7.51 19.17 22.40
CA SER B 129 -8.60 19.97 21.87
C SER B 129 -8.07 21.34 21.54
N THR B 133 -0.02 20.43 20.90
CA THR B 133 0.42 19.35 20.04
C THR B 133 1.03 18.28 20.92
N THR B 134 0.16 17.47 21.54
CA THR B 134 0.55 16.47 22.55
C THR B 134 1.28 15.22 21.99
N GLY B 135 2.38 15.43 21.25
CA GLY B 135 3.17 14.32 20.69
C GLY B 135 4.18 14.79 19.64
N PRO B 136 5.24 13.98 19.37
CA PRO B 136 6.18 14.29 18.29
C PRO B 136 5.57 14.14 16.87
N LYS B 137 6.09 14.89 15.90
CA LYS B 137 5.70 14.68 14.50
C LYS B 137 6.24 13.35 14.06
N GLN B 138 5.42 12.60 13.32
CA GLN B 138 5.85 11.36 12.69
C GLN B 138 6.05 11.58 11.21
N HIS B 139 7.28 11.40 10.75
CA HIS B 139 7.57 11.51 9.32
C HIS B 139 7.39 10.17 8.67
N GLN B 140 6.48 10.15 7.69
CA GLN B 140 6.09 8.94 7.00
C GLN B 140 6.21 9.10 5.50
N ILE B 141 6.27 7.95 4.87
CA ILE B 141 6.26 7.85 3.43
C ILE B 141 5.24 6.80 3.05
N ALA B 142 4.22 7.19 2.23
CA ALA B 142 3.24 6.26 1.72
C ALA B 142 3.70 5.79 0.32
N THR B 143 3.88 4.48 0.12
CA THR B 143 4.18 3.91 -1.24
C THR B 143 2.85 3.41 -1.77
N ILE B 144 2.50 3.84 -2.99
CA ILE B 144 1.15 3.68 -3.51
C ILE B 144 1.07 3.19 -4.98
N GLY B 145 0.18 2.24 -5.20
CA GLY B 145 -0.26 1.86 -6.52
C GLY B 145 -1.68 2.35 -6.67
N TYR B 146 -2.00 2.90 -7.86
CA TYR B 146 -3.35 3.36 -8.13
C TYR B 146 -3.77 3.24 -9.58
N THR B 147 -5.08 3.25 -9.78
CA THR B 147 -5.69 3.17 -11.07
C THR B 147 -7.06 3.84 -10.98
N TYR B 148 -7.77 3.87 -12.10
CA TYR B 148 -9.13 4.32 -12.16
C TYR B 148 -9.96 3.29 -12.89
N VAL B 149 -11.14 3.01 -12.37
CA VAL B 149 -11.94 1.91 -12.90
C VAL B 149 -13.30 2.35 -13.44
N GLY B 150 -13.57 3.65 -13.49
CA GLY B 150 -14.84 4.16 -14.04
C GLY B 150 -15.84 4.44 -12.94
N ALA B 151 -16.91 5.17 -13.28
CA ALA B 151 -17.89 5.64 -12.31
C ALA B 151 -18.51 4.48 -11.59
N PRO B 152 -18.60 4.53 -10.27
CA PRO B 152 -19.33 3.48 -9.55
C PRO B 152 -20.82 3.48 -9.89
N MET B 153 -21.48 2.32 -9.77
CA MET B 153 -22.94 2.20 -9.92
C MET B 153 -23.71 2.80 -8.74
N LYS B 154 -23.27 2.54 -7.52
CA LYS B 154 -23.94 3.10 -6.33
C LYS B 154 -23.91 4.64 -6.36
N SER B 155 -25.04 5.30 -6.24
CA SER B 155 -25.12 6.76 -6.37
C SER B 155 -24.29 7.53 -5.32
N SER B 156 -24.27 7.01 -4.10
CA SER B 156 -23.61 7.68 -2.99
C SER B 156 -22.10 7.61 -3.18
N ASP B 157 -21.66 6.51 -3.81
CA ASP B 157 -20.28 6.26 -4.16
C ASP B 157 -19.85 7.12 -5.37
N ARG B 158 -20.70 7.16 -6.38
CA ARG B 158 -20.43 7.96 -7.57
C ARG B 158 -20.27 9.45 -7.20
N LEU B 159 -21.03 9.89 -6.19
CA LEU B 159 -20.97 11.26 -5.72
C LEU B 159 -19.67 11.64 -5.13
N LEU B 160 -18.98 10.67 -4.52
CA LEU B 160 -17.71 10.87 -3.89
C LEU B 160 -16.51 10.36 -4.65
N ASN B 161 -16.71 9.64 -5.74
CA ASN B 161 -15.59 9.06 -6.51
C ASN B 161 -16.01 8.96 -7.94
N PRO B 162 -16.18 10.12 -8.56
CA PRO B 162 -16.75 10.19 -9.89
C PRO B 162 -16.00 9.43 -10.98
N LEU B 163 -14.67 9.38 -10.90
CA LEU B 163 -13.85 8.67 -11.92
C LEU B 163 -13.53 7.21 -11.54
N GLY B 164 -13.98 6.77 -10.36
CA GLY B 164 -13.59 5.45 -9.79
C GLY B 164 -12.09 5.31 -9.58
N PHE B 165 -11.51 6.34 -8.96
CA PHE B 165 -10.15 6.26 -8.47
C PHE B 165 -10.07 5.08 -7.50
N GLN B 166 -9.03 4.28 -7.64
CA GLN B 166 -8.83 3.13 -6.77
C GLN B 166 -7.36 2.98 -6.40
N ILE B 167 -7.12 2.97 -5.10
CA ILE B 167 -5.81 2.61 -4.55
C ILE B 167 -5.68 1.08 -4.57
N THR B 168 -4.77 0.58 -5.37
CA THR B 168 -4.50 -0.87 -5.42
C THR B 168 -3.40 -1.43 -4.51
N SER B 169 -2.52 -0.57 -4.01
CA SER B 169 -1.63 -0.94 -2.88
C SER B 169 -1.26 0.27 -2.11
N TYR B 170 -1.12 0.13 -0.80
CA TYR B 170 -0.78 1.26 0.01
C TYR B 170 -0.05 0.74 1.22
N ARG B 171 1.14 1.30 1.48
CA ARG B 171 1.88 1.07 2.75
CA ARG B 171 1.79 1.12 2.77
C ARG B 171 2.43 2.41 3.24
N SER B 172 2.25 2.71 4.51
CA SER B 172 2.80 3.86 5.13
C SER B 172 3.96 3.37 5.98
N ASP B 173 5.14 3.95 5.83
CA ASP B 173 6.34 3.54 6.56
C ASP B 173 7.06 4.77 7.11
N PRO B 174 7.67 4.66 8.32
CA PRO B 174 8.42 5.76 8.91
C PRO B 174 9.56 6.17 7.99
N GLU B 175 9.78 7.46 7.79
CA GLU B 175 10.95 7.91 7.05
C GLU B 175 12.05 7.99 8.09
N ILE B 176 13.13 7.22 7.93
CA ILE B 176 14.24 7.26 8.89
C ILE B 176 15.20 8.36 8.49
N LEU B 177 15.18 9.47 9.24
CA LEU B 177 16.05 10.61 8.97
C LEU B 177 17.42 10.27 9.51
N LEU B 178 18.35 10.03 8.61
CA LEU B 178 19.67 9.59 9.06
C LEU B 178 20.51 10.83 8.98
N ASN B 179 21.59 10.86 9.76
CA ASN B 179 22.45 12.05 9.83
C ASN B 179 21.76 13.25 10.51
N GLU C 37 24.65 -10.93 -6.45
CA GLU C 37 23.50 -10.84 -5.51
C GLU C 37 22.56 -9.70 -5.93
N THR C 38 21.25 -9.86 -5.73
CA THR C 38 20.37 -8.73 -5.92
C THR C 38 20.46 -7.75 -4.73
N SER C 39 20.72 -8.30 -3.54
CA SER C 39 20.95 -7.50 -2.33
C SER C 39 21.97 -8.14 -1.39
N TYR C 40 22.69 -7.28 -0.65
CA TYR C 40 23.57 -7.70 0.44
C TYR C 40 22.96 -7.34 1.80
N GLY C 41 21.63 -7.16 1.84
CA GLY C 41 20.92 -6.72 3.04
C GLY C 41 20.82 -5.20 3.10
N GLU C 42 19.86 -4.72 3.88
CA GLU C 42 19.58 -3.31 4.00
C GLU C 42 20.83 -2.50 4.29
N VAL C 43 21.58 -2.95 5.27
CA VAL C 43 22.67 -2.13 5.79
C VAL C 43 23.74 -1.92 4.71
N VAL C 44 24.20 -2.99 4.10
CA VAL C 44 25.16 -2.83 3.00
C VAL C 44 24.58 -2.09 1.79
N ASP C 45 23.36 -2.39 1.40
CA ASP C 45 22.79 -1.71 0.19
C ASP C 45 22.72 -0.17 0.43
N ARG C 46 22.26 0.24 1.62
CA ARG C 46 22.24 1.67 1.99
C ARG C 46 23.64 2.29 1.94
N TYR C 47 24.62 1.57 2.47
CA TYR C 47 26.01 2.01 2.37
C TYR C 47 26.39 2.38 0.92
N TRP C 48 26.15 1.49 -0.04
CA TRP C 48 26.52 1.77 -1.46
C TRP C 48 25.64 2.83 -2.14
N LEU C 49 24.36 2.83 -1.86
CA LEU C 49 23.47 3.87 -2.41
C LEU C 49 23.92 5.26 -1.94
N ASN C 50 24.24 5.38 -0.65
CA ASN C 50 24.71 6.59 -0.07
C ASN C 50 26.01 7.06 -0.69
N GLN C 51 27.01 6.16 -0.82
CA GLN C 51 28.26 6.53 -1.44
C GLN C 51 28.00 6.95 -2.91
N TYR C 52 27.09 6.27 -3.59
CA TYR C 52 26.79 6.64 -4.97
C TYR C 52 26.25 8.06 -5.06
N VAL C 53 25.24 8.39 -4.26
CA VAL C 53 24.67 9.72 -4.32
C VAL C 53 25.70 10.79 -3.93
N LEU C 54 26.47 10.54 -2.88
CA LEU C 54 27.45 11.48 -2.42
C LEU C 54 28.52 11.76 -3.43
N ASN C 55 28.93 10.76 -4.19
CA ASN C 55 29.90 10.99 -5.24
C ASN C 55 29.32 11.59 -6.49
N ARG C 56 28.13 11.18 -6.87
CA ARG C 56 27.60 11.59 -8.14
C ARG C 56 27.08 13.04 -8.05
N GLU C 57 26.55 13.46 -6.89
CA GLU C 57 25.91 14.77 -6.78
C GLU C 57 26.80 15.87 -6.22
N ASN C 58 27.95 15.47 -5.71
CA ASN C 58 28.92 16.39 -5.17
C ASN C 58 29.60 17.12 -6.31
N TYR C 59 29.95 18.39 -6.08
CA TYR C 59 30.91 19.08 -6.92
C TYR C 59 31.95 19.81 -6.09
N ASP C 60 33.20 19.41 -6.31
CA ASP C 60 34.38 20.01 -5.70
C ASP C 60 35.50 19.81 -6.70
N TYR C 61 36.08 20.92 -7.14
CA TYR C 61 37.12 20.88 -8.15
C TYR C 61 38.29 19.97 -7.80
N ASP C 62 38.67 19.97 -6.53
CA ASP C 62 39.79 19.20 -6.05
C ASP C 62 39.50 17.71 -5.99
N THR C 63 38.23 17.31 -6.03
CA THR C 63 37.91 15.88 -5.95
C THR C 63 37.15 15.40 -7.17
N ILE C 64 37.16 16.17 -8.26
CA ILE C 64 36.46 15.77 -9.49
C ILE C 64 36.85 14.39 -9.95
N GLN C 65 38.15 14.13 -9.98
CA GLN C 65 38.63 12.87 -10.48
C GLN C 65 38.17 11.70 -9.62
N LEU C 66 38.25 11.84 -8.32
CA LEU C 66 37.79 10.80 -7.44
C LEU C 66 36.24 10.57 -7.54
N ASN C 67 35.49 11.68 -7.61
CA ASN C 67 34.02 11.60 -7.69
C ASN C 67 33.56 11.00 -9.05
N TYR C 68 34.18 11.42 -10.15
CA TYR C 68 33.80 10.95 -11.48
C TYR C 68 34.11 9.47 -11.66
N ASP C 69 35.33 9.09 -11.35
CA ASP C 69 35.77 7.72 -11.49
C ASP C 69 35.00 6.78 -10.61
N THR C 70 34.65 7.22 -9.39
CA THR C 70 33.86 6.38 -8.53
C THR C 70 32.43 6.24 -9.11
N THR C 71 31.84 7.34 -9.52
CA THR C 71 30.47 7.30 -10.01
C THR C 71 30.44 6.39 -11.25
N ALA C 72 31.47 6.54 -12.07
CA ALA C 72 31.60 5.75 -13.30
C ALA C 72 31.69 4.26 -12.97
N LEU C 73 32.53 3.96 -11.98
CA LEU C 73 32.78 2.58 -11.64
C LEU C 73 31.59 1.90 -11.07
N LEU C 74 30.77 2.66 -10.34
CA LEU C 74 29.60 2.08 -9.69
C LEU C 74 28.36 2.08 -10.58
N SER C 75 28.51 2.49 -11.84
CA SER C 75 27.40 2.61 -12.79
C SER C 75 27.42 1.57 -13.91
N ALA C 76 26.25 1.00 -14.20
CA ALA C 76 26.07 0.16 -15.36
C ALA C 76 26.30 0.99 -16.66
N ALA C 77 26.67 0.32 -17.74
CA ALA C 77 27.09 1.02 -18.93
C ALA C 77 26.12 2.13 -19.33
N SER C 78 24.82 1.81 -19.40
CA SER C 78 23.80 2.80 -19.80
C SER C 78 23.77 4.04 -18.90
N VAL C 79 24.01 3.81 -17.61
CA VAL C 79 23.99 4.87 -16.62
C VAL C 79 25.27 5.72 -16.73
N GLN C 80 26.42 5.07 -16.98
CA GLN C 80 27.66 5.83 -17.14
C GLN C 80 27.47 6.88 -18.23
N GLN C 81 26.87 6.46 -19.33
CA GLN C 81 26.62 7.35 -20.47
C GLN C 81 25.71 8.51 -20.12
N GLU C 82 24.72 8.25 -19.28
CA GLU C 82 23.85 9.31 -18.79
C GLU C 82 24.67 10.31 -17.98
N TYR C 83 25.39 9.82 -16.96
CA TYR C 83 26.24 10.66 -16.10
C TYR C 83 27.31 11.46 -16.86
N TYR C 84 27.90 10.88 -17.89
CA TYR C 84 28.94 11.60 -18.63
C TYR C 84 28.43 12.94 -19.24
N LYS C 85 27.18 12.99 -19.68
CA LYS C 85 26.64 14.21 -20.34
C LYS C 85 26.69 15.44 -19.42
N ILE C 86 26.62 15.24 -18.09
CA ILE C 86 26.79 16.34 -17.15
C ILE C 86 28.18 17.00 -17.28
N TYR C 87 29.18 16.24 -17.72
CA TYR C 87 30.55 16.76 -17.85
C TYR C 87 30.98 17.01 -19.29
N ASP C 88 30.11 16.68 -20.25
CA ASP C 88 30.39 16.85 -21.67
C ASP C 88 29.47 17.92 -22.24
N GLY C 89 30.05 19.05 -22.67
CA GLY C 89 29.29 20.09 -23.35
C GLY C 89 29.75 21.51 -23.06
N GLU C 90 28.89 22.46 -23.40
CA GLU C 90 29.17 23.90 -23.21
C GLU C 90 28.65 24.38 -21.87
N ASN C 91 27.58 23.75 -21.38
CA ASN C 91 27.17 23.88 -19.99
C ASN C 91 27.62 22.65 -19.20
N ALA C 92 28.79 22.09 -19.54
CA ALA C 92 29.44 21.06 -18.72
C ALA C 92 29.79 21.58 -17.31
N ARG C 93 29.55 20.75 -16.29
CA ARG C 93 29.62 21.18 -14.89
C ARG C 93 31.00 21.68 -14.46
N ASP C 94 32.05 20.95 -14.83
CA ASP C 94 33.42 21.31 -14.44
C ASP C 94 33.89 22.60 -15.13
N LYS C 95 33.59 22.75 -16.41
CA LYS C 95 33.91 23.99 -17.14
C LYS C 95 33.18 25.19 -16.51
N VAL C 96 31.87 25.05 -16.29
CA VAL C 96 31.03 26.17 -15.86
C VAL C 96 31.33 26.60 -14.42
N LEU C 97 31.54 25.64 -13.52
CA LEU C 97 31.81 25.94 -12.10
C LEU C 97 33.30 26.06 -11.78
N SER C 98 34.14 25.35 -12.54
CA SER C 98 35.60 25.45 -12.40
C SER C 98 36.05 25.25 -10.93
N ASN C 99 37.00 26.07 -10.46
CA ASN C 99 37.31 26.07 -9.02
C ASN C 99 36.64 27.24 -8.28
N LYS C 100 35.66 27.85 -8.93
CA LYS C 100 35.00 29.04 -8.38
C LYS C 100 33.84 28.72 -7.44
N ALA C 101 33.37 27.46 -7.44
CA ALA C 101 32.17 27.04 -6.70
C ALA C 101 32.17 25.55 -6.33
N ARG C 102 31.45 25.23 -5.26
CA ARG C 102 31.20 23.87 -4.81
C ARG C 102 29.71 23.56 -4.78
N ILE C 103 29.36 22.28 -4.89
CA ILE C 103 28.02 21.78 -4.58
C ILE C 103 28.20 20.72 -3.50
N THR C 104 27.62 20.95 -2.34
CA THR C 104 27.63 19.99 -1.25
C THR C 104 26.32 19.24 -1.23
N VAL C 105 26.36 18.03 -0.70
CA VAL C 105 25.24 17.08 -0.71
C VAL C 105 25.01 16.65 0.73
N LYS C 106 23.75 16.68 1.16
CA LYS C 106 23.30 16.09 2.41
C LYS C 106 22.20 15.05 2.12
N VAL C 107 22.47 13.80 2.49
CA VAL C 107 21.45 12.76 2.39
C VAL C 107 20.56 12.79 3.62
N ARG C 108 19.27 12.87 3.36
CA ARG C 108 18.34 12.90 4.43
C ARG C 108 17.77 11.54 4.73
N SER C 109 17.44 10.77 3.70
CA SER C 109 16.87 9.44 3.90
C SER C 109 17.04 8.54 2.72
N ILE C 110 16.94 7.22 2.98
CA ILE C 110 17.08 6.23 1.90
C ILE C 110 15.99 5.19 2.15
N GLN C 111 15.14 4.95 1.16
CA GLN C 111 14.13 3.90 1.24
C GLN C 111 14.49 2.76 0.30
N LEU C 112 14.35 1.54 0.78
CA LEU C 112 14.65 0.36 -0.04
C LEU C 112 13.37 -0.35 -0.28
N ASN C 113 12.98 -0.43 -1.54
CA ASN C 113 11.64 -0.89 -1.93
C ASN C 113 11.79 -2.23 -2.63
N GLY C 114 12.30 -3.20 -1.87
CA GLY C 114 12.34 -4.61 -2.28
C GLY C 114 13.53 -5.10 -3.10
N LEU C 115 13.27 -5.53 -4.32
CA LEU C 115 14.26 -6.17 -5.16
C LEU C 115 14.94 -5.17 -6.08
N GLY C 116 15.92 -4.47 -5.54
CA GLY C 116 16.83 -3.69 -6.35
C GLY C 116 16.32 -2.32 -6.68
N GLN C 117 15.40 -1.81 -5.88
CA GLN C 117 14.89 -0.48 -6.10
C GLN C 117 15.04 0.33 -4.81
N ALA C 118 15.36 1.62 -4.94
CA ALA C 118 15.53 2.49 -3.78
C ALA C 118 15.18 3.90 -4.14
N THR C 119 14.88 4.71 -3.14
CA THR C 119 14.77 6.19 -3.35
CA THR C 119 14.74 6.17 -3.33
C THR C 119 15.65 6.85 -2.32
N VAL C 120 16.40 7.88 -2.72
CA VAL C 120 17.25 8.59 -1.79
C VAL C 120 16.81 10.04 -1.84
N ARG C 121 16.43 10.59 -0.69
CA ARG C 121 16.03 11.98 -0.57
CA ARG C 121 16.06 11.99 -0.63
C ARG C 121 17.23 12.77 -0.03
N PHE C 122 17.58 13.85 -0.69
CA PHE C 122 18.78 14.59 -0.37
C PHE C 122 18.63 16.05 -0.76
N THR C 123 19.53 16.87 -0.24
CA THR C 123 19.54 18.28 -0.60
C THR C 123 20.93 18.64 -1.09
N THR C 124 21.00 19.55 -2.06
CA THR C 124 22.28 20.10 -2.47
C THR C 124 22.27 21.60 -2.23
N GLN C 125 23.47 22.12 -1.92
CA GLN C 125 23.68 23.56 -1.64
C GLN C 125 24.90 24.05 -2.41
N GLN C 126 24.69 25.04 -3.28
CA GLN C 126 25.81 25.65 -4.00
C GLN C 126 26.52 26.66 -3.10
N LEU C 127 27.85 26.59 -3.09
CA LEU C 127 28.69 27.40 -2.21
C LEU C 127 29.70 28.19 -3.03
N ASP C 128 30.05 29.38 -2.56
CA ASP C 128 31.12 30.17 -3.15
C ASP C 128 32.47 29.67 -2.64
N SER C 129 33.51 30.43 -2.92
CA SER C 129 34.89 30.02 -2.67
C SER C 129 35.24 30.02 -1.17
N SER C 130 34.60 30.92 -0.41
CA SER C 130 34.78 31.03 1.05
C SER C 130 33.74 30.27 1.90
N GLY C 131 32.91 29.42 1.31
CA GLY C 131 31.86 28.68 2.06
C GLY C 131 30.52 29.43 2.16
N ALA C 132 30.45 30.63 1.59
CA ALA C 132 29.21 31.38 1.61
C ALA C 132 28.18 30.75 0.67
N THR C 133 26.93 30.62 1.14
CA THR C 133 25.85 30.08 0.31
C THR C 133 25.49 31.01 -0.83
N THR C 134 25.11 30.44 -1.96
CA THR C 134 24.81 31.22 -3.16
C THR C 134 23.56 30.67 -3.83
N GLY C 135 22.48 30.56 -3.04
CA GLY C 135 21.21 30.01 -3.50
C GLY C 135 20.58 29.23 -2.35
N PRO C 136 19.27 28.93 -2.45
CA PRO C 136 18.68 28.14 -1.38
C PRO C 136 19.02 26.68 -1.63
N LYS C 137 18.85 25.84 -0.63
CA LYS C 137 19.00 24.40 -0.80
C LYS C 137 18.10 23.92 -1.93
N GLN C 138 18.59 22.98 -2.76
CA GLN C 138 17.73 22.26 -3.68
C GLN C 138 17.35 20.91 -3.03
N HIS C 139 16.06 20.67 -2.90
CA HIS C 139 15.56 19.40 -2.41
C HIS C 139 15.33 18.50 -3.59
N GLN C 140 15.90 17.31 -3.51
CA GLN C 140 15.88 16.36 -4.58
C GLN C 140 15.54 14.95 -4.13
N ILE C 141 15.15 14.12 -5.10
CA ILE C 141 14.86 12.73 -4.93
C ILE C 141 15.54 11.98 -6.03
N ALA C 142 16.37 10.99 -5.65
CA ALA C 142 16.93 10.11 -6.63
C ALA C 142 16.15 8.81 -6.65
N THR C 143 15.74 8.39 -7.85
CA THR C 143 15.05 7.12 -8.06
C THR C 143 16.04 6.16 -8.67
N ILE C 144 16.28 5.05 -7.97
CA ILE C 144 17.43 4.22 -8.28
C ILE C 144 17.08 2.76 -8.45
N GLY C 145 17.56 2.16 -9.55
CA GLY C 145 17.66 0.70 -9.67
C GLY C 145 19.11 0.30 -9.40
N TYR C 146 19.33 -0.82 -8.71
CA TYR C 146 20.70 -1.32 -8.45
C TYR C 146 20.81 -2.84 -8.38
N THR C 147 22.04 -3.34 -8.38
CA THR C 147 22.30 -4.75 -8.31
C THR C 147 23.76 -4.91 -7.99
N TYR C 148 24.20 -6.15 -7.80
CA TYR C 148 25.64 -6.41 -7.62
C TYR C 148 26.03 -7.47 -8.61
N VAL C 149 27.20 -7.32 -9.21
CA VAL C 149 27.65 -8.23 -10.25
C VAL C 149 28.89 -9.04 -9.90
N GLY C 150 29.49 -8.81 -8.74
CA GLY C 150 30.70 -9.53 -8.34
C GLY C 150 31.95 -8.67 -8.49
N ALA C 151 33.03 -9.12 -7.85
CA ALA C 151 34.28 -8.38 -7.81
C ALA C 151 34.75 -8.05 -9.25
N PRO C 152 35.18 -6.80 -9.50
CA PRO C 152 35.79 -6.52 -10.79
C PRO C 152 37.09 -7.28 -10.92
N MET C 153 37.48 -7.58 -12.15
CA MET C 153 38.74 -8.22 -12.43
C MET C 153 39.90 -7.24 -12.23
N LYS C 154 39.71 -6.00 -12.69
CA LYS C 154 40.72 -4.96 -12.62
C LYS C 154 41.00 -4.59 -11.15
N SER C 155 42.28 -4.59 -10.79
CA SER C 155 42.70 -4.45 -9.41
C SER C 155 42.30 -3.11 -8.79
N SER C 156 42.43 -2.02 -9.55
CA SER C 156 42.10 -0.70 -9.04
C SER C 156 40.60 -0.58 -8.82
N ASP C 157 39.82 -1.31 -9.61
CA ASP C 157 38.38 -1.24 -9.51
C ASP C 157 37.88 -2.05 -8.35
N ARG C 158 38.46 -3.23 -8.16
CA ARG C 158 38.11 -4.12 -7.04
C ARG C 158 38.36 -3.45 -5.69
N LEU C 159 39.39 -2.62 -5.68
CA LEU C 159 39.77 -1.87 -4.48
C LEU C 159 38.71 -0.87 -4.09
N LEU C 160 37.96 -0.35 -5.08
CA LEU C 160 36.91 0.65 -4.84
C LEU C 160 35.48 0.14 -4.95
N ASN C 161 35.29 -1.06 -5.46
CA ASN C 161 33.96 -1.65 -5.53
C ASN C 161 34.08 -3.14 -5.36
N PRO C 162 34.42 -3.60 -4.15
CA PRO C 162 34.70 -5.00 -3.90
C PRO C 162 33.59 -5.98 -4.32
N LEU C 163 32.33 -5.55 -4.20
CA LEU C 163 31.17 -6.44 -4.41
C LEU C 163 30.60 -6.36 -5.81
N GLY C 164 31.12 -5.43 -6.59
CA GLY C 164 30.55 -5.17 -7.90
C GLY C 164 29.20 -4.52 -7.83
N PHE C 165 29.03 -3.57 -6.90
CA PHE C 165 27.82 -2.78 -6.88
C PHE C 165 27.63 -2.05 -8.23
N GLN C 166 26.42 -2.13 -8.78
CA GLN C 166 26.08 -1.44 -10.04
C GLN C 166 24.71 -0.75 -9.99
N ILE C 167 24.72 0.55 -10.23
CA ILE C 167 23.52 1.31 -10.42
C ILE C 167 23.01 1.06 -11.83
N THR C 168 21.80 0.50 -11.94
CA THR C 168 21.24 0.12 -13.26
C THR C 168 20.31 1.19 -13.83
N SER C 169 19.76 2.02 -12.95
CA SER C 169 19.01 3.18 -13.36
C SER C 169 19.12 4.25 -12.25
N TYR C 170 19.19 5.49 -12.68
CA TYR C 170 19.30 6.63 -11.77
C TYR C 170 18.69 7.84 -12.42
N ARG C 171 17.81 8.52 -11.69
CA ARG C 171 17.37 9.87 -12.07
C ARG C 171 17.12 10.69 -10.80
N SER C 172 17.56 11.94 -10.87
CA SER C 172 17.48 12.87 -9.79
C SER C 172 16.43 13.88 -10.20
N ASP C 173 15.40 14.08 -9.38
CA ASP C 173 14.34 15.07 -9.70
C ASP C 173 14.08 15.96 -8.49
N PRO C 174 13.74 17.25 -8.72
CA PRO C 174 13.32 18.17 -7.65
C PRO C 174 12.17 17.61 -6.79
N GLU C 175 12.23 17.77 -5.48
CA GLU C 175 11.09 17.48 -4.62
C GLU C 175 10.28 18.74 -4.51
N ILE C 176 9.07 18.70 -5.03
CA ILE C 176 8.25 19.90 -5.04
C ILE C 176 7.47 19.91 -3.74
N LEU C 177 7.87 20.81 -2.83
CA LEU C 177 7.30 20.85 -1.49
C LEU C 177 6.06 21.68 -1.50
N LEU C 178 5.08 21.29 -0.69
CA LEU C 178 3.80 22.00 -0.70
C LEU C 178 3.13 22.02 0.67
N GLU D 37 31.79 -12.40 10.86
CA GLU D 37 33.15 -12.86 11.22
C GLU D 37 33.93 -11.63 11.67
N THR D 38 35.25 -11.76 11.77
CA THR D 38 36.12 -10.65 12.10
C THR D 38 37.27 -10.51 11.09
N SER D 39 37.09 -11.20 9.96
CA SER D 39 37.63 -10.78 8.68
C SER D 39 36.55 -11.13 7.66
N TYR D 40 36.51 -10.38 6.57
CA TYR D 40 35.55 -10.65 5.48
C TYR D 40 36.20 -11.10 4.16
N GLY D 41 37.41 -11.63 4.27
CA GLY D 41 38.15 -12.02 3.08
C GLY D 41 39.02 -10.86 2.65
N GLU D 42 39.96 -11.15 1.76
CA GLU D 42 40.99 -10.19 1.40
C GLU D 42 40.38 -9.02 0.66
N VAL D 43 39.36 -9.27 -0.18
CA VAL D 43 38.88 -8.22 -1.04
C VAL D 43 38.18 -7.11 -0.25
N VAL D 44 37.40 -7.51 0.76
CA VAL D 44 36.69 -6.57 1.63
C VAL D 44 37.67 -5.96 2.63
N ASP D 45 38.61 -6.78 3.13
CA ASP D 45 39.66 -6.23 4.01
C ASP D 45 40.46 -5.14 3.31
N ARG D 46 40.87 -5.38 2.06
CA ARG D 46 41.67 -4.36 1.36
C ARG D 46 40.87 -3.09 1.15
N TYR D 47 39.58 -3.27 0.83
CA TYR D 47 38.70 -2.14 0.66
C TYR D 47 38.78 -1.21 1.87
N TRP D 48 38.64 -1.75 3.08
CA TRP D 48 38.53 -0.91 4.28
C TRP D 48 39.87 -0.31 4.65
N LEU D 49 40.92 -1.11 4.47
CA LEU D 49 42.24 -0.64 4.79
C LEU D 49 42.61 0.55 3.92
N ASN D 50 42.32 0.45 2.63
CA ASN D 50 42.56 1.53 1.68
C ASN D 50 41.76 2.79 2.04
N GLN D 51 40.45 2.64 2.28
CA GLN D 51 39.62 3.77 2.75
C GLN D 51 40.16 4.39 4.03
N TYR D 52 40.64 3.55 4.97
CA TYR D 52 41.18 4.10 6.20
C TYR D 52 42.42 4.98 5.90
N VAL D 53 43.37 4.45 5.14
CA VAL D 53 44.62 5.20 4.94
C VAL D 53 44.31 6.48 4.19
N LEU D 54 43.43 6.40 3.20
CA LEU D 54 43.05 7.55 2.38
C LEU D 54 42.45 8.66 3.22
N ASN D 55 41.59 8.30 4.16
CA ASN D 55 41.02 9.28 5.07
C ASN D 55 41.96 9.80 6.15
N ARG D 56 42.77 8.93 6.72
CA ARG D 56 43.61 9.35 7.81
C ARG D 56 44.76 10.23 7.32
N GLU D 57 45.28 9.98 6.11
CA GLU D 57 46.53 10.63 5.66
C GLU D 57 46.28 11.85 4.74
N ASN D 58 45.10 11.93 4.15
CA ASN D 58 44.64 13.13 3.43
C ASN D 58 44.60 14.39 4.31
N TYR D 59 44.87 15.55 3.72
CA TYR D 59 44.52 16.81 4.39
C TYR D 59 43.96 17.77 3.35
N ASP D 60 42.74 18.21 3.56
CA ASP D 60 42.12 19.22 2.71
C ASP D 60 41.12 19.88 3.61
N TYR D 61 41.26 21.19 3.77
CA TYR D 61 40.43 21.87 4.75
C TYR D 61 38.94 21.73 4.41
N ASP D 62 38.61 21.57 3.13
CA ASP D 62 37.22 21.45 2.71
C ASP D 62 36.58 20.11 3.12
N THR D 63 37.39 19.07 3.34
CA THR D 63 36.85 17.76 3.70
C THR D 63 37.34 17.27 5.04
N ILE D 64 37.98 18.16 5.82
CA ILE D 64 38.65 17.78 7.06
C ILE D 64 37.73 17.19 8.12
N GLN D 65 36.54 17.77 8.31
CA GLN D 65 35.64 17.22 9.33
C GLN D 65 35.28 15.79 8.91
N LEU D 66 35.00 15.59 7.63
CA LEU D 66 34.62 14.28 7.14
C LEU D 66 35.74 13.26 7.27
N ASN D 67 36.97 13.65 6.95
CA ASN D 67 38.11 12.77 7.06
C ASN D 67 38.41 12.38 8.49
N TYR D 68 38.32 13.36 9.36
CA TYR D 68 38.57 13.18 10.77
C TYR D 68 37.51 12.27 11.35
N ASP D 69 36.26 12.56 11.04
CA ASP D 69 35.13 11.81 11.59
C ASP D 69 35.17 10.35 11.16
N THR D 70 35.49 10.12 9.89
CA THR D 70 35.62 8.79 9.31
C THR D 70 36.81 8.05 9.94
N THR D 71 37.97 8.70 10.00
CA THR D 71 39.12 8.07 10.68
C THR D 71 38.79 7.67 12.12
N ALA D 72 38.18 8.60 12.86
CA ALA D 72 37.79 8.30 14.24
C ALA D 72 36.81 7.11 14.33
N LEU D 73 35.80 7.10 13.47
CA LEU D 73 34.81 6.03 13.42
C LEU D 73 35.43 4.67 13.10
N LEU D 74 36.46 4.64 12.27
CA LEU D 74 37.10 3.39 11.92
C LEU D 74 38.22 2.94 12.84
N SER D 75 38.44 3.65 13.95
CA SER D 75 39.57 3.40 14.82
C SER D 75 39.05 2.93 16.16
N ALA D 76 39.66 1.89 16.72
CA ALA D 76 39.44 1.52 18.12
C ALA D 76 39.89 2.64 19.03
N ALA D 77 39.39 2.65 20.28
CA ALA D 77 39.65 3.73 21.24
C ALA D 77 41.10 4.19 21.31
N SER D 78 42.03 3.27 21.46
CA SER D 78 43.42 3.65 21.67
C SER D 78 44.02 4.30 20.44
N VAL D 79 43.56 3.85 19.28
CA VAL D 79 43.95 4.44 18.01
C VAL D 79 43.31 5.81 17.81
N GLN D 80 42.05 5.97 18.24
CA GLN D 80 41.42 7.26 18.17
C GLN D 80 42.27 8.27 18.90
N GLN D 81 42.72 7.91 20.12
CA GLN D 81 43.44 8.84 20.96
C GLN D 81 44.79 9.21 20.37
N GLU D 82 45.45 8.26 19.76
CA GLU D 82 46.64 8.56 18.99
C GLU D 82 46.36 9.57 17.86
N TYR D 83 45.37 9.28 17.02
CA TYR D 83 45.04 10.11 15.87
C TYR D 83 44.66 11.53 16.31
N TYR D 84 43.91 11.64 17.41
CA TYR D 84 43.47 12.93 17.90
C TYR D 84 44.66 13.81 18.24
N LYS D 85 45.76 13.22 18.71
CA LYS D 85 46.99 14.00 19.00
C LYS D 85 47.49 14.79 17.81
N ILE D 86 47.29 14.27 16.61
CA ILE D 86 47.76 14.94 15.40
C ILE D 86 47.07 16.31 15.25
N TYR D 87 45.85 16.43 15.78
CA TYR D 87 45.07 17.66 15.70
C TYR D 87 44.93 18.39 17.07
N ASP D 88 45.96 18.25 17.92
CA ASP D 88 45.98 18.86 19.24
C ASP D 88 47.21 19.73 19.45
N GLY D 89 47.16 20.67 20.39
CA GLY D 89 48.32 21.54 20.66
C GLY D 89 48.72 22.51 19.55
N GLU D 90 49.77 23.31 19.81
CA GLU D 90 50.24 24.35 18.88
C GLU D 90 50.78 23.77 17.57
N ASN D 91 51.23 22.52 17.60
CA ASN D 91 51.65 21.85 16.37
C ASN D 91 50.52 21.08 15.69
N ALA D 92 49.27 21.31 16.08
CA ALA D 92 48.13 20.60 15.46
C ALA D 92 48.19 20.77 13.96
N ARG D 93 47.87 19.73 13.20
CA ARG D 93 48.01 19.78 11.74
C ARG D 93 47.10 20.85 11.09
N ASP D 94 45.88 20.99 11.60
CA ASP D 94 44.99 21.99 11.07
C ASP D 94 45.38 23.40 11.51
N LYS D 95 46.14 23.55 12.61
CA LYS D 95 46.72 24.87 12.92
C LYS D 95 47.95 25.15 12.06
N VAL D 96 48.77 24.15 11.77
CA VAL D 96 49.97 24.37 10.95
C VAL D 96 49.58 24.59 9.48
N LEU D 97 48.76 23.71 8.92
CA LEU D 97 48.39 23.80 7.48
C LEU D 97 47.16 24.65 7.16
N SER D 98 46.32 24.86 8.18
CA SER D 98 44.99 25.49 8.07
C SER D 98 44.34 25.32 6.69
N ASN D 99 44.05 26.43 5.98
CA ASN D 99 43.43 26.34 4.66
C ASN D 99 44.40 26.74 3.58
N LYS D 100 45.69 26.63 3.85
CA LYS D 100 46.70 27.13 2.93
C LYS D 100 47.54 26.04 2.36
N ALA D 101 47.27 24.79 2.73
CA ALA D 101 48.02 23.67 2.21
C ALA D 101 47.09 22.45 2.17
N ARG D 102 47.40 21.52 1.27
CA ARG D 102 46.73 20.25 1.18
C ARG D 102 47.80 19.18 1.21
N ILE D 103 47.41 17.99 1.62
CA ILE D 103 48.25 16.79 1.50
C ILE D 103 47.46 15.75 0.74
N THR D 104 48.03 15.25 -0.35
CA THR D 104 47.36 14.23 -1.09
C THR D 104 48.04 12.90 -0.84
N VAL D 105 47.28 11.83 -0.96
CA VAL D 105 47.77 10.48 -0.68
C VAL D 105 47.50 9.57 -1.87
N LYS D 106 48.52 8.82 -2.28
CA LYS D 106 48.40 7.67 -3.18
C LYS D 106 48.87 6.42 -2.42
N VAL D 107 48.06 5.37 -2.49
CA VAL D 107 48.44 4.12 -1.88
C VAL D 107 49.12 3.29 -2.95
N ARG D 108 50.32 2.79 -2.64
CA ARG D 108 51.11 2.02 -3.60
C ARG D 108 50.83 0.52 -3.49
N SER D 109 50.70 0.00 -2.28
CA SER D 109 50.41 -1.42 -2.10
C SER D 109 49.82 -1.67 -0.74
N ILE D 110 48.97 -2.70 -0.66
CA ILE D 110 48.45 -3.20 0.59
C ILE D 110 48.75 -4.71 0.66
N GLN D 111 49.45 -5.12 1.73
CA GLN D 111 49.77 -6.52 1.96
C GLN D 111 49.09 -7.00 3.21
N LEU D 112 48.43 -8.14 3.10
CA LEU D 112 47.78 -8.75 4.20
C LEU D 112 48.74 -9.79 4.72
N ASN D 113 49.13 -9.65 5.98
CA ASN D 113 50.15 -10.50 6.58
C ASN D 113 49.44 -11.52 7.47
N GLY D 114 48.28 -11.97 7.04
CA GLY D 114 47.45 -12.86 7.84
C GLY D 114 46.96 -12.25 9.15
N LEU D 115 46.04 -12.97 9.81
CA LEU D 115 45.61 -12.73 11.20
C LEU D 115 45.33 -11.28 11.57
N GLY D 116 44.59 -10.58 10.72
CA GLY D 116 44.27 -9.20 11.03
C GLY D 116 45.43 -8.22 10.99
N GLN D 117 46.44 -8.48 10.18
CA GLN D 117 47.58 -7.60 10.05
C GLN D 117 47.71 -7.23 8.59
N ALA D 118 48.23 -6.04 8.37
CA ALA D 118 48.46 -5.53 7.04
C ALA D 118 49.60 -4.54 7.06
N THR D 119 50.18 -4.34 5.90
CA THR D 119 51.28 -3.44 5.72
C THR D 119 50.91 -2.63 4.50
N VAL D 120 50.78 -1.32 4.67
CA VAL D 120 50.37 -0.46 3.56
C VAL D 120 51.49 0.52 3.26
N ARG D 121 51.92 0.56 2.00
CA ARG D 121 52.91 1.53 1.54
C ARG D 121 52.18 2.63 0.78
N PHE D 122 52.46 3.85 1.17
CA PHE D 122 51.82 4.99 0.53
C PHE D 122 52.76 6.14 0.42
N THR D 123 52.29 7.14 -0.33
CA THR D 123 53.06 8.31 -0.70
C THR D 123 52.21 9.55 -0.47
N THR D 124 52.74 10.52 0.27
CA THR D 124 52.03 11.80 0.43
C THR D 124 52.77 12.96 -0.25
N GLN D 125 52.01 13.99 -0.58
CA GLN D 125 52.54 15.14 -1.26
C GLN D 125 51.84 16.39 -0.75
N GLN D 126 52.63 17.32 -0.23
CA GLN D 126 52.09 18.58 0.18
C GLN D 126 51.97 19.57 -0.99
N LEU D 127 50.84 20.26 -1.01
CA LEU D 127 50.49 21.22 -2.04
C LEU D 127 50.11 22.55 -1.37
N ASP D 128 50.37 23.67 -2.04
CA ASP D 128 49.92 24.97 -1.53
C ASP D 128 48.54 25.26 -2.11
N SER D 129 48.10 26.51 -1.96
CA SER D 129 46.78 26.96 -2.40
C SER D 129 46.62 26.77 -3.90
N SER D 130 47.54 27.37 -4.65
CA SER D 130 47.64 27.17 -6.11
C SER D 130 47.49 25.70 -6.51
N GLY D 131 48.14 24.81 -5.76
CA GLY D 131 48.17 23.36 -6.05
C GLY D 131 49.57 22.91 -6.46
N ALA D 132 50.56 23.75 -6.17
CA ALA D 132 51.92 23.50 -6.58
C ALA D 132 52.58 22.71 -5.50
N THR D 133 53.38 21.72 -5.87
CA THR D 133 54.04 20.88 -4.89
C THR D 133 54.88 21.80 -4.02
N THR D 134 54.97 21.48 -2.74
CA THR D 134 55.68 22.32 -1.77
C THR D 134 56.88 21.61 -1.20
N GLY D 135 56.86 20.28 -1.18
CA GLY D 135 58.07 19.49 -0.92
C GLY D 135 58.09 18.29 -1.85
N PRO D 136 59.07 17.41 -1.65
CA PRO D 136 59.05 16.16 -2.41
C PRO D 136 57.98 15.17 -1.90
N LYS D 137 57.61 14.23 -2.77
CA LYS D 137 56.81 13.06 -2.40
C LYS D 137 57.39 12.45 -1.15
N GLN D 138 56.55 11.99 -0.24
CA GLN D 138 57.06 11.30 0.93
C GLN D 138 56.57 9.88 0.99
N HIS D 139 57.49 8.96 0.93
CA HIS D 139 57.15 7.58 0.88
C HIS D 139 57.02 7.11 2.29
N GLN D 140 55.87 6.54 2.63
CA GLN D 140 55.57 6.12 4.00
C GLN D 140 55.12 4.66 3.99
N ILE D 141 55.21 4.05 5.16
CA ILE D 141 54.81 2.65 5.36
C ILE D 141 54.03 2.60 6.67
N ALA D 142 52.90 1.91 6.69
CA ALA D 142 52.13 1.77 7.91
C ALA D 142 51.89 0.31 8.15
N THR D 143 52.08 -0.11 9.40
CA THR D 143 51.72 -1.43 9.81
C THR D 143 50.48 -1.33 10.66
N ILE D 144 49.56 -2.26 10.43
CA ILE D 144 48.18 -2.05 10.85
C ILE D 144 47.62 -3.33 11.41
N GLY D 145 46.94 -3.21 12.56
CA GLY D 145 46.10 -4.30 13.09
C GLY D 145 44.64 -3.90 12.88
N TYR D 146 43.77 -4.87 12.62
CA TYR D 146 42.37 -4.57 12.36
C TYR D 146 41.50 -5.74 12.64
N THR D 147 40.22 -5.45 12.83
CA THR D 147 39.19 -6.45 13.06
C THR D 147 37.83 -5.85 12.70
N TYR D 148 36.78 -6.63 12.84
CA TYR D 148 35.43 -6.10 12.74
C TYR D 148 34.63 -6.43 13.99
N VAL D 149 33.81 -5.49 14.43
CA VAL D 149 33.10 -5.64 15.67
C VAL D 149 31.58 -5.56 15.51
N GLY D 150 31.06 -5.48 14.28
CA GLY D 150 29.61 -5.54 14.01
C GLY D 150 29.03 -4.18 13.72
N ALA D 151 27.79 -4.14 13.31
CA ALA D 151 27.18 -2.88 12.86
C ALA D 151 27.08 -1.89 14.02
N PRO D 152 27.47 -0.63 13.80
CA PRO D 152 27.31 0.26 14.97
C PRO D 152 25.85 0.54 15.22
N MET D 153 25.55 1.04 16.41
CA MET D 153 24.19 1.31 16.84
C MET D 153 23.68 2.60 16.21
N LYS D 154 24.53 3.61 16.13
CA LYS D 154 24.09 4.90 15.62
C LYS D 154 23.97 4.86 14.08
N SER D 155 22.86 5.42 13.64
CA SER D 155 22.42 5.39 12.27
C SER D 155 23.47 6.03 11.32
N SER D 156 24.02 7.17 11.73
CA SER D 156 24.94 7.91 10.86
C SER D 156 26.26 7.14 10.68
N ASP D 157 26.62 6.39 11.75
CA ASP D 157 27.83 5.62 11.81
C ASP D 157 27.73 4.35 10.95
N ARG D 158 26.55 3.75 10.95
CA ARG D 158 26.29 2.50 10.29
C ARG D 158 26.33 2.75 8.79
N LEU D 159 26.04 3.98 8.41
CA LEU D 159 26.05 4.38 7.03
C LEU D 159 27.45 4.55 6.53
N LEU D 160 28.40 4.82 7.44
CA LEU D 160 29.79 4.96 7.06
C LEU D 160 30.67 3.74 7.42
N ASN D 161 30.20 2.90 8.34
CA ASN D 161 31.02 1.73 8.77
C ASN D 161 30.10 0.58 9.03
N PRO D 162 29.43 0.11 8.00
CA PRO D 162 28.36 -0.86 8.16
C PRO D 162 28.77 -2.19 8.81
N LEU D 163 30.03 -2.56 8.74
CA LEU D 163 30.50 -3.82 9.26
C LEU D 163 31.24 -3.68 10.61
N GLY D 164 31.37 -2.45 11.10
CA GLY D 164 32.18 -2.16 12.27
C GLY D 164 33.64 -2.44 12.09
N PHE D 165 34.18 -2.14 10.92
CA PHE D 165 35.63 -2.20 10.72
C PHE D 165 36.30 -1.37 11.80
N GLN D 166 37.34 -1.94 12.44
CA GLN D 166 38.10 -1.24 13.48
C GLN D 166 39.59 -1.40 13.34
N ILE D 167 40.26 -0.27 13.20
CA ILE D 167 41.72 -0.27 13.28
C ILE D 167 42.15 -0.38 14.74
N THR D 168 42.86 -1.46 15.08
CA THR D 168 43.29 -1.72 16.47
C THR D 168 44.71 -1.25 16.77
N SER D 169 45.55 -1.10 15.75
CA SER D 169 46.83 -0.38 15.87
C SER D 169 47.24 0.09 14.47
N TYR D 170 47.97 1.19 14.41
CA TYR D 170 48.39 1.86 13.17
C TYR D 170 49.69 2.60 13.50
N ARG D 171 50.78 2.21 12.85
CA ARG D 171 52.13 2.78 13.08
C ARG D 171 52.68 3.15 11.73
N SER D 172 52.83 4.44 11.50
N SER D 172 52.83 4.45 11.47
CA SER D 172 53.36 4.96 10.25
CA SER D 172 53.35 4.95 10.22
C SER D 172 54.76 5.49 10.49
C SER D 172 54.72 5.60 10.42
N ASP D 173 55.63 5.39 9.47
CA ASP D 173 57.00 5.96 9.52
C ASP D 173 57.40 6.22 8.05
N PRO D 174 58.41 7.09 7.82
CA PRO D 174 58.98 7.18 6.46
C PRO D 174 59.52 5.83 6.02
N GLU D 175 59.26 5.43 4.79
CA GLU D 175 59.75 4.16 4.28
C GLU D 175 61.22 4.27 3.91
N ILE D 176 62.03 3.34 4.41
CA ILE D 176 63.45 3.37 4.16
C ILE D 176 63.77 2.45 2.98
N LEU D 177 64.49 2.98 2.00
CA LEU D 177 64.96 2.18 0.90
C LEU D 177 66.44 1.99 1.10
N LEU D 178 66.81 0.79 1.52
CA LEU D 178 68.19 0.44 1.71
C LEU D 178 68.83 0.08 0.38
N GLU E 37 -8.95 -7.55 -8.53
CA GLU E 37 -7.93 -7.89 -9.55
C GLU E 37 -7.20 -9.10 -9.09
N THR E 38 -6.03 -8.91 -8.52
CA THR E 38 -5.21 -10.02 -8.10
C THR E 38 -5.76 -10.69 -6.82
N SER E 39 -6.31 -9.89 -5.91
CA SER E 39 -6.76 -10.40 -4.61
C SER E 39 -7.94 -9.58 -4.05
N TYR E 40 -8.76 -10.26 -3.26
CA TYR E 40 -9.80 -9.61 -2.46
C TYR E 40 -9.44 -9.68 -0.99
N GLY E 41 -8.17 -9.89 -0.71
CA GLY E 41 -7.73 -10.02 0.67
C GLY E 41 -7.74 -11.47 1.05
N GLU E 42 -7.05 -11.77 2.15
CA GLU E 42 -6.82 -13.12 2.57
C GLU E 42 -8.08 -13.91 2.80
N VAL E 43 -9.03 -13.30 3.48
CA VAL E 43 -10.24 -14.02 3.88
C VAL E 43 -11.05 -14.45 2.66
N VAL E 44 -11.27 -13.54 1.73
CA VAL E 44 -12.03 -13.91 0.54
C VAL E 44 -11.27 -14.87 -0.37
N ASP E 45 -9.97 -14.66 -0.57
CA ASP E 45 -9.18 -15.60 -1.38
C ASP E 45 -9.28 -17.03 -0.82
N ARG E 46 -9.10 -17.19 0.49
CA ARG E 46 -9.19 -18.51 1.16
CA ARG E 46 -9.17 -18.52 1.14
C ARG E 46 -10.53 -19.15 0.91
N TYR E 47 -11.60 -18.34 1.03
CA TYR E 47 -12.95 -18.82 0.73
C TYR E 47 -13.06 -19.47 -0.66
N TRP E 48 -12.55 -18.80 -1.68
CA TRP E 48 -12.68 -19.30 -3.06
C TRP E 48 -11.71 -20.45 -3.33
N LEU E 49 -10.48 -20.36 -2.84
CA LEU E 49 -9.53 -21.50 -3.00
C LEU E 49 -10.10 -22.79 -2.34
N ASN E 50 -10.71 -22.62 -1.18
CA ASN E 50 -11.28 -23.72 -0.46
C ASN E 50 -12.47 -24.33 -1.15
N GLN E 51 -13.40 -23.49 -1.59
CA GLN E 51 -14.52 -23.97 -2.41
C GLN E 51 -14.01 -24.65 -3.68
N TYR E 52 -12.95 -24.12 -4.30
CA TYR E 52 -12.43 -24.78 -5.49
C TYR E 52 -11.87 -26.18 -5.22
N VAL E 53 -11.04 -26.33 -4.19
CA VAL E 53 -10.53 -27.65 -3.88
C VAL E 53 -11.67 -28.59 -3.42
N LEU E 54 -12.66 -28.08 -2.71
CA LEU E 54 -13.71 -28.97 -2.24
C LEU E 54 -14.56 -29.44 -3.40
N ASN E 55 -14.81 -28.59 -4.39
CA ASN E 55 -15.57 -29.06 -5.54
C ASN E 55 -14.76 -29.93 -6.46
N ARG E 56 -13.49 -29.60 -6.65
CA ARG E 56 -12.71 -30.29 -7.66
C ARG E 56 -12.25 -31.66 -7.17
N GLU E 57 -11.92 -31.77 -5.87
CA GLU E 57 -11.36 -33.02 -5.39
C GLU E 57 -12.38 -34.01 -4.89
N ASN E 58 -13.60 -33.55 -4.62
CA ASN E 58 -14.70 -34.37 -4.09
C ASN E 58 -15.17 -35.33 -5.15
N TYR E 59 -15.64 -36.51 -4.78
CA TYR E 59 -16.41 -37.35 -5.68
C TYR E 59 -17.65 -37.89 -4.96
N ASP E 60 -18.81 -37.54 -5.53
CA ASP E 60 -20.09 -38.00 -5.05
C ASP E 60 -21.03 -38.04 -6.29
N TYR E 61 -21.54 -39.23 -6.60
CA TYR E 61 -22.37 -39.42 -7.77
C TYR E 61 -23.53 -38.42 -7.82
N ASP E 62 -24.14 -38.14 -6.67
CA ASP E 62 -25.33 -37.29 -6.63
C ASP E 62 -25.00 -35.85 -6.84
N THR E 63 -23.73 -35.46 -6.68
CA THR E 63 -23.36 -34.06 -6.86
C THR E 63 -22.35 -33.84 -7.98
N ILE E 64 -22.16 -34.83 -8.85
CA ILE E 64 -21.15 -34.69 -9.90
C ILE E 64 -21.44 -33.45 -10.75
N GLN E 65 -22.67 -33.30 -11.20
CA GLN E 65 -22.98 -32.22 -12.14
C GLN E 65 -22.60 -30.85 -11.55
N LEU E 66 -22.99 -30.63 -10.31
CA LEU E 66 -22.70 -29.43 -9.56
C LEU E 66 -21.19 -29.20 -9.29
N ASN E 67 -20.50 -30.26 -8.88
CA ASN E 67 -19.07 -30.18 -8.61
C ASN E 67 -18.33 -29.89 -9.90
N TYR E 68 -18.70 -30.57 -10.99
CA TYR E 68 -18.07 -30.39 -12.28
C TYR E 68 -18.33 -29.01 -12.88
N ASP E 69 -19.58 -28.56 -12.87
CA ASP E 69 -19.94 -27.24 -13.40
C ASP E 69 -19.29 -26.13 -12.59
N THR E 70 -19.24 -26.29 -11.27
CA THR E 70 -18.59 -25.29 -10.46
C THR E 70 -17.06 -25.27 -10.74
N THR E 71 -16.44 -26.44 -10.74
CA THR E 71 -15.01 -26.52 -11.03
C THR E 71 -14.66 -25.88 -12.35
N ALA E 72 -15.48 -26.16 -13.38
CA ALA E 72 -15.30 -25.58 -14.69
C ALA E 72 -15.48 -24.07 -14.64
N LEU E 73 -16.52 -23.62 -13.96
CA LEU E 73 -16.82 -22.20 -13.93
C LEU E 73 -15.72 -21.40 -13.27
N LEU E 74 -15.07 -21.99 -12.26
CA LEU E 74 -14.02 -21.32 -11.54
C LEU E 74 -12.64 -21.45 -12.18
N SER E 75 -12.52 -22.10 -13.34
CA SER E 75 -11.24 -22.40 -13.99
C SER E 75 -11.01 -21.60 -15.28
N ALA E 76 -9.79 -21.10 -15.45
CA ALA E 76 -9.38 -20.54 -16.72
C ALA E 76 -9.45 -21.61 -17.83
N ALA E 77 -9.57 -21.17 -19.07
CA ALA E 77 -9.71 -22.14 -20.18
C ALA E 77 -8.72 -23.31 -20.11
N SER E 78 -7.43 -23.03 -19.99
CA SER E 78 -6.45 -24.11 -20.01
C SER E 78 -6.60 -25.08 -18.85
N VAL E 79 -7.01 -24.57 -17.70
CA VAL E 79 -7.21 -25.39 -16.51
C VAL E 79 -8.47 -26.25 -16.68
N GLN E 80 -9.50 -25.71 -17.34
CA GLN E 80 -10.74 -26.45 -17.60
C GLN E 80 -10.42 -27.71 -18.40
N GLN E 81 -9.60 -27.54 -19.45
CA GLN E 81 -9.19 -28.65 -20.31
C GLN E 81 -8.49 -29.74 -19.53
N GLU E 82 -7.52 -29.36 -18.69
CA GLU E 82 -6.87 -30.32 -17.80
C GLU E 82 -7.90 -31.02 -16.92
N TYR E 83 -8.81 -30.23 -16.34
CA TYR E 83 -9.84 -30.80 -15.49
C TYR E 83 -10.72 -31.79 -16.21
N TYR E 84 -11.20 -31.42 -17.40
CA TYR E 84 -12.10 -32.28 -18.16
C TYR E 84 -11.49 -33.65 -18.38
N LYS E 85 -10.17 -33.71 -18.62
CA LYS E 85 -9.48 -34.98 -18.93
C LYS E 85 -9.60 -36.00 -17.79
N ILE E 86 -9.86 -35.54 -16.57
CA ILE E 86 -10.19 -36.46 -15.48
C ILE E 86 -11.54 -37.15 -15.69
N TYR E 87 -12.40 -36.58 -16.53
CA TYR E 87 -13.72 -37.16 -16.84
C TYR E 87 -13.87 -37.64 -18.27
N ASP E 88 -12.81 -37.52 -19.07
CA ASP E 88 -12.83 -37.89 -20.47
C ASP E 88 -12.18 -39.25 -20.66
N GLY E 89 -11.63 -39.84 -19.60
CA GLY E 89 -10.91 -41.11 -19.71
C GLY E 89 -11.75 -42.35 -20.03
N GLU E 90 -11.07 -43.44 -20.36
CA GLU E 90 -11.64 -44.78 -20.22
C GLU E 90 -11.67 -45.07 -18.71
N ASN E 91 -10.64 -44.61 -17.99
CA ASN E 91 -10.60 -44.62 -16.53
C ASN E 91 -11.32 -43.43 -15.90
N ALA E 92 -12.25 -42.80 -16.62
CA ALA E 92 -12.96 -41.62 -16.10
C ALA E 92 -13.49 -41.94 -14.72
N ARG E 93 -13.26 -41.03 -13.78
CA ARG E 93 -13.60 -41.31 -12.37
C ARG E 93 -15.07 -41.66 -12.16
N ASP E 94 -15.95 -40.95 -12.85
CA ASP E 94 -17.39 -41.19 -12.74
C ASP E 94 -17.83 -42.54 -13.34
N LYS E 95 -17.13 -42.99 -14.38
CA LYS E 95 -17.37 -44.31 -14.95
C LYS E 95 -16.78 -45.40 -14.04
N VAL E 96 -15.60 -45.16 -13.48
CA VAL E 96 -14.94 -46.19 -12.66
C VAL E 96 -15.65 -46.37 -11.30
N LEU E 97 -16.11 -45.27 -10.71
CA LEU E 97 -16.66 -45.28 -9.35
C LEU E 97 -18.18 -45.31 -9.31
N SER E 98 -18.82 -44.75 -10.34
CA SER E 98 -20.28 -44.68 -10.44
C SER E 98 -20.90 -44.21 -9.11
N ASN E 99 -21.95 -44.87 -8.63
CA ASN E 99 -22.54 -44.55 -7.31
C ASN E 99 -22.14 -45.55 -6.22
N LYS E 100 -21.07 -46.30 -6.49
CA LYS E 100 -20.65 -47.36 -5.61
C LYS E 100 -19.63 -46.84 -4.62
N ALA E 101 -19.19 -45.59 -4.79
CA ALA E 101 -18.05 -45.09 -4.01
C ALA E 101 -18.05 -43.56 -3.96
N ARG E 102 -17.46 -43.01 -2.90
CA ARG E 102 -17.28 -41.58 -2.70
C ARG E 102 -15.84 -41.28 -2.38
N ILE E 103 -15.41 -40.07 -2.72
CA ILE E 103 -14.15 -39.51 -2.25
C ILE E 103 -14.48 -38.24 -1.49
N THR E 104 -14.18 -38.23 -0.19
CA THR E 104 -14.45 -37.07 0.66
C THR E 104 -13.13 -36.30 0.77
N VAL E 105 -13.23 -35.01 1.03
CA VAL E 105 -12.06 -34.14 1.16
C VAL E 105 -12.02 -33.44 2.52
N LYS E 106 -10.84 -33.34 3.12
CA LYS E 106 -10.63 -32.48 4.26
C LYS E 106 -9.45 -31.54 3.95
N VAL E 107 -9.72 -30.25 3.99
CA VAL E 107 -8.70 -29.23 3.79
C VAL E 107 -8.12 -28.95 5.16
N ARG E 108 -6.81 -29.02 5.24
CA ARG E 108 -6.14 -28.88 6.49
C ARG E 108 -5.52 -27.49 6.61
N SER E 109 -4.94 -26.98 5.53
CA SER E 109 -4.46 -25.62 5.57
C SER E 109 -4.36 -25.01 4.23
N ILE E 110 -4.32 -23.67 4.22
CA ILE E 110 -4.18 -22.92 2.98
C ILE E 110 -3.15 -21.82 3.21
N GLN E 111 -2.14 -21.75 2.34
CA GLN E 111 -1.09 -20.70 2.43
C GLN E 111 -1.17 -19.81 1.18
N LEU E 112 -1.12 -18.50 1.37
CA LEU E 112 -1.13 -17.53 0.27
C LEU E 112 0.18 -16.82 0.18
N ASN E 113 0.72 -16.56 -0.99
CA ASN E 113 1.81 -15.56 -1.04
C ASN E 113 1.37 -14.10 -1.34
N GLY E 114 0.10 -13.88 -1.69
CA GLY E 114 -0.36 -12.54 -2.15
C GLY E 114 0.31 -12.04 -3.46
N LEU E 115 0.59 -12.97 -4.36
CA LEU E 115 0.97 -12.67 -5.74
C LEU E 115 0.15 -13.61 -6.67
N GLY E 116 -1.06 -13.93 -6.27
CA GLY E 116 -1.88 -14.89 -6.99
C GLY E 116 -1.45 -16.34 -6.89
N GLN E 117 -0.64 -16.67 -5.90
CA GLN E 117 -0.24 -18.04 -5.68
C GLN E 117 -0.66 -18.53 -4.30
N ALA E 118 -1.00 -19.81 -4.21
CA ALA E 118 -1.45 -20.47 -2.98
C ALA E 118 -1.09 -21.94 -2.99
N THR E 119 -0.99 -22.53 -1.83
CA THR E 119 -0.88 -23.98 -1.70
C THR E 119 -1.95 -24.43 -0.72
N VAL E 120 -2.68 -25.49 -1.06
CA VAL E 120 -3.69 -26.05 -0.13
C VAL E 120 -3.30 -27.48 0.21
N ARG E 121 -3.14 -27.74 1.51
CA ARG E 121 -2.79 -29.06 2.03
C ARG E 121 -4.13 -29.68 2.41
N PHE E 122 -4.40 -30.87 1.85
CA PHE E 122 -5.69 -31.52 2.05
C PHE E 122 -5.52 -33.02 2.09
N THR E 123 -6.54 -33.74 2.57
CA THR E 123 -6.51 -35.19 2.47
C THR E 123 -7.80 -35.65 1.81
N THR E 124 -7.72 -36.78 1.11
CA THR E 124 -8.90 -37.43 0.56
C THR E 124 -9.02 -38.82 1.14
N GLN E 125 -10.26 -39.28 1.28
CA GLN E 125 -10.54 -40.65 1.76
C GLN E 125 -11.66 -41.22 0.91
N GLN E 126 -11.36 -42.32 0.25
CA GLN E 126 -12.39 -43.04 -0.46
C GLN E 126 -13.25 -43.87 0.51
N LEU E 127 -14.58 -43.79 0.31
CA LEU E 127 -15.57 -44.55 1.05
C LEU E 127 -16.41 -45.41 0.09
N ASP E 128 -16.90 -46.55 0.58
CA ASP E 128 -17.91 -47.32 -0.16
C ASP E 128 -19.31 -46.67 0.01
N SER E 129 -20.37 -47.30 -0.47
CA SER E 129 -21.70 -46.71 -0.36
C SER E 129 -22.26 -46.65 1.07
N SER E 130 -21.80 -47.56 1.95
CA SER E 130 -22.17 -47.59 3.40
C SER E 130 -21.35 -46.68 4.36
N GLY E 131 -20.48 -45.86 3.79
CA GLY E 131 -19.60 -44.95 4.56
C GLY E 131 -18.35 -45.62 5.13
N ALA E 132 -18.11 -46.90 4.85
CA ALA E 132 -16.92 -47.55 5.37
C ALA E 132 -15.71 -47.08 4.54
N THR E 133 -14.61 -46.77 5.23
CA THR E 133 -13.36 -46.34 4.58
C THR E 133 -12.80 -47.48 3.75
N THR E 134 -12.28 -47.16 2.58
CA THR E 134 -11.77 -48.18 1.67
C THR E 134 -10.39 -47.71 1.22
N GLY E 135 -9.34 -48.18 1.89
CA GLY E 135 -7.96 -47.75 1.61
C GLY E 135 -7.51 -46.59 2.47
N PRO E 136 -6.22 -46.21 2.35
CA PRO E 136 -5.69 -45.21 3.29
C PRO E 136 -6.07 -43.81 2.89
N LYS E 137 -6.13 -42.95 3.89
CA LYS E 137 -6.25 -41.51 3.69
C LYS E 137 -5.09 -41.08 2.77
N GLN E 138 -5.35 -40.27 1.76
CA GLN E 138 -4.31 -39.77 0.86
C GLN E 138 -3.97 -38.30 1.19
N HIS E 139 -2.72 -38.05 1.52
CA HIS E 139 -2.25 -36.69 1.81
C HIS E 139 -1.79 -36.02 0.53
N GLN E 140 -2.32 -34.84 0.28
CA GLN E 140 -2.06 -34.15 -0.99
C GLN E 140 -1.76 -32.67 -0.78
N ILE E 141 -1.13 -32.09 -1.80
CA ILE E 141 -0.84 -30.67 -1.84
C ILE E 141 -1.33 -30.15 -3.17
N ALA E 142 -2.16 -29.11 -3.15
CA ALA E 142 -2.51 -28.46 -4.37
C ALA E 142 -1.67 -27.20 -4.53
N THR E 143 -1.00 -27.08 -5.68
CA THR E 143 -0.29 -25.86 -6.01
C THR E 143 -1.12 -25.06 -7.00
N ILE E 144 -1.43 -23.80 -6.67
CA ILE E 144 -2.51 -23.05 -7.33
C ILE E 144 -2.12 -21.64 -7.72
N GLY E 145 -2.39 -21.27 -8.98
CA GLY E 145 -2.35 -19.87 -9.41
C GLY E 145 -3.79 -19.39 -9.52
N TYR E 146 -4.05 -18.15 -9.09
CA TYR E 146 -5.43 -17.60 -9.15
C TYR E 146 -5.46 -16.11 -9.38
N THR E 147 -6.63 -15.63 -9.82
CA THR E 147 -6.86 -14.22 -10.03
C THR E 147 -8.37 -13.98 -10.02
N TYR E 148 -8.79 -12.73 -10.18
CA TYR E 148 -10.21 -12.43 -10.36
C TYR E 148 -10.40 -11.62 -11.61
N VAL E 149 -11.39 -11.96 -12.41
CA VAL E 149 -11.60 -11.26 -13.69
C VAL E 149 -12.84 -10.38 -13.75
N GLY E 150 -13.69 -10.41 -12.72
CA GLY E 150 -14.92 -9.62 -12.67
C GLY E 150 -16.16 -10.49 -12.82
N ALA E 151 -17.30 -9.93 -12.49
CA ALA E 151 -18.60 -10.59 -12.67
C ALA E 151 -18.77 -11.20 -14.09
N PRO E 152 -19.15 -12.46 -14.17
CA PRO E 152 -19.57 -13.08 -15.42
C PRO E 152 -20.78 -12.39 -16.06
N MET E 153 -20.90 -12.48 -17.38
CA MET E 153 -22.01 -11.85 -18.09
C MET E 153 -23.31 -12.67 -17.99
N LYS E 154 -23.22 -14.00 -18.04
CA LYS E 154 -24.41 -14.87 -17.88
C LYS E 154 -24.89 -14.91 -16.42
N SER E 155 -26.20 -14.83 -16.21
CA SER E 155 -26.78 -14.84 -14.86
C SER E 155 -26.45 -16.04 -14.03
N SER E 156 -26.53 -17.22 -14.62
CA SER E 156 -26.35 -18.46 -13.83
C SER E 156 -24.90 -18.59 -13.37
N ASP E 157 -23.97 -18.11 -14.19
CA ASP E 157 -22.55 -18.02 -13.85
C ASP E 157 -22.25 -17.00 -12.77
N ARG E 158 -22.85 -15.80 -12.92
CA ARG E 158 -22.67 -14.71 -11.97
C ARG E 158 -23.22 -15.09 -10.60
N LEU E 159 -24.22 -15.96 -10.61
CA LEU E 159 -24.84 -16.43 -9.40
C LEU E 159 -23.96 -17.38 -8.60
N LEU E 160 -23.05 -18.06 -9.30
CA LEU E 160 -22.12 -18.96 -8.66
C LEU E 160 -20.68 -18.44 -8.60
N ASN E 161 -20.35 -17.34 -9.26
CA ASN E 161 -19.00 -16.82 -9.23
C ASN E 161 -19.08 -15.32 -9.40
N PRO E 162 -19.60 -14.64 -8.38
CA PRO E 162 -19.92 -13.24 -8.43
C PRO E 162 -18.70 -12.32 -8.74
N LEU E 163 -17.49 -12.72 -8.32
CA LEU E 163 -16.31 -11.88 -8.49
C LEU E 163 -15.47 -12.27 -9.70
N GLY E 164 -15.85 -13.34 -10.38
CA GLY E 164 -15.05 -13.85 -11.49
C GLY E 164 -13.75 -14.42 -11.02
N PHE E 165 -13.81 -15.15 -9.88
CA PHE E 165 -12.67 -15.89 -9.38
C PHE E 165 -12.24 -16.87 -10.46
N GLN E 166 -10.95 -16.91 -10.77
CA GLN E 166 -10.43 -17.85 -11.76
C GLN E 166 -9.14 -18.53 -11.30
N ILE E 167 -9.14 -19.84 -11.35
CA ILE E 167 -7.95 -20.63 -11.15
C ILE E 167 -7.19 -20.62 -12.46
N THR E 168 -5.97 -20.05 -12.47
CA THR E 168 -5.13 -19.99 -13.71
C THR E 168 -4.14 -21.15 -13.87
N SER E 169 -3.83 -21.81 -12.75
CA SER E 169 -3.04 -23.02 -12.75
C SER E 169 -3.40 -23.87 -11.53
N TYR E 170 -3.47 -25.18 -11.73
CA TYR E 170 -3.77 -26.13 -10.67
C TYR E 170 -3.08 -27.48 -10.88
N ARG E 171 -2.33 -27.94 -9.88
CA ARG E 171 -1.87 -29.33 -9.80
C ARG E 171 -1.94 -29.86 -8.35
N SER E 172 -2.37 -31.11 -8.26
CA SER E 172 -2.52 -31.82 -7.01
C SER E 172 -1.45 -32.92 -6.97
N ASP E 173 -0.57 -32.91 -5.97
CA ASP E 173 0.46 -33.93 -5.84
C ASP E 173 0.42 -34.55 -4.46
N PRO E 174 0.84 -35.84 -4.34
CA PRO E 174 0.91 -36.49 -3.02
C PRO E 174 1.90 -35.78 -2.10
N GLU E 175 1.59 -35.71 -0.82
CA GLU E 175 2.56 -35.25 0.17
C GLU E 175 3.27 -36.48 0.68
N ILE E 176 4.58 -36.54 0.46
CA ILE E 176 5.35 -37.67 0.93
C ILE E 176 5.85 -37.36 2.34
N LEU E 177 5.32 -38.08 3.33
CA LEU E 177 5.61 -37.79 4.73
C LEU E 177 6.85 -38.55 5.11
N LEU E 178 7.80 -37.91 5.78
CA LEU E 178 9.18 -38.46 5.86
C LEU E 178 9.51 -39.10 7.21
N GLU F 37 -20.61 -2.37 5.33
CA GLU F 37 -20.70 -3.53 6.28
C GLU F 37 -22.16 -3.87 6.63
N THR F 38 -23.08 -3.70 5.67
CA THR F 38 -24.49 -4.11 5.82
C THR F 38 -25.15 -4.58 4.50
N SER F 39 -24.53 -4.25 3.36
CA SER F 39 -24.85 -4.86 2.05
C SER F 39 -23.67 -4.66 1.09
N TYR F 40 -23.51 -5.60 0.17
CA TYR F 40 -22.35 -5.61 -0.74
C TYR F 40 -22.77 -5.48 -2.19
N GLY F 41 -24.02 -5.04 -2.39
CA GLY F 41 -24.59 -4.88 -3.71
C GLY F 41 -25.29 -6.15 -4.13
N GLU F 42 -26.11 -6.02 -5.17
CA GLU F 42 -26.98 -7.08 -5.69
C GLU F 42 -26.27 -8.40 -6.02
N VAL F 43 -25.11 -8.32 -6.65
CA VAL F 43 -24.47 -9.52 -7.15
C VAL F 43 -23.99 -10.37 -5.98
N VAL F 44 -23.42 -9.74 -4.97
CA VAL F 44 -22.95 -10.48 -3.77
C VAL F 44 -24.13 -10.97 -2.91
N ASP F 45 -25.10 -10.09 -2.67
CA ASP F 45 -26.33 -10.43 -1.97
C ASP F 45 -26.99 -11.63 -2.60
N ARG F 46 -27.15 -11.62 -3.93
CA ARG F 46 -27.79 -12.75 -4.62
C ARG F 46 -27.04 -14.07 -4.39
N TYR F 47 -25.70 -14.02 -4.50
CA TYR F 47 -24.87 -15.19 -4.30
C TYR F 47 -25.21 -15.87 -2.95
N TRP F 48 -25.32 -15.06 -1.92
CA TRP F 48 -25.44 -15.59 -0.55
C TRP F 48 -26.84 -16.07 -0.25
N LEU F 49 -27.83 -15.31 -0.70
CA LEU F 49 -29.22 -15.76 -0.60
C LEU F 49 -29.45 -17.12 -1.31
N ASN F 50 -28.91 -17.24 -2.52
CA ASN F 50 -28.95 -18.47 -3.28
C ASN F 50 -28.29 -19.64 -2.53
N GLN F 51 -27.06 -19.46 -2.05
CA GLN F 51 -26.39 -20.46 -1.27
C GLN F 51 -27.18 -20.81 -0.02
N TYR F 52 -27.74 -19.84 0.69
CA TYR F 52 -28.59 -20.12 1.86
C TYR F 52 -29.77 -21.02 1.54
N VAL F 53 -30.57 -20.64 0.55
CA VAL F 53 -31.74 -21.47 0.24
C VAL F 53 -31.32 -22.86 -0.23
N LEU F 54 -30.22 -22.96 -0.98
CA LEU F 54 -29.81 -24.28 -1.47
C LEU F 54 -29.37 -25.20 -0.33
N ASN F 55 -28.71 -24.63 0.66
CA ASN F 55 -28.34 -25.42 1.84
C ASN F 55 -29.50 -25.75 2.74
N ARG F 56 -30.40 -24.78 2.92
CA ARG F 56 -31.45 -24.92 3.90
C ARG F 56 -32.54 -25.83 3.36
N GLU F 57 -32.79 -25.84 2.06
CA GLU F 57 -33.95 -26.60 1.54
C GLU F 57 -33.58 -27.97 0.95
N ASN F 58 -32.29 -28.23 0.80
CA ASN F 58 -31.77 -29.51 0.33
C ASN F 58 -31.97 -30.57 1.39
N TYR F 59 -32.09 -31.83 1.02
CA TYR F 59 -31.92 -32.93 2.00
C TYR F 59 -31.23 -34.08 1.29
N ASP F 60 -30.11 -34.48 1.84
CA ASP F 60 -29.36 -35.61 1.32
C ASP F 60 -28.58 -36.08 2.51
N TYR F 61 -28.79 -37.34 2.88
CA TYR F 61 -28.20 -37.82 4.10
C TYR F 61 -26.65 -37.69 4.06
N ASP F 62 -26.03 -37.84 2.87
CA ASP F 62 -24.56 -37.76 2.72
C ASP F 62 -24.00 -36.35 2.97
N THR F 63 -24.81 -35.30 2.87
CA THR F 63 -24.32 -33.94 3.06
C THR F 63 -25.11 -33.19 4.12
N ILE F 64 -25.89 -33.92 4.90
CA ILE F 64 -26.79 -33.29 5.88
CA ILE F 64 -26.80 -33.31 5.88
C ILE F 64 -26.07 -32.51 6.98
N GLN F 65 -24.94 -33.00 7.47
CA GLN F 65 -24.23 -32.27 8.54
C GLN F 65 -23.75 -30.94 7.96
N LEU F 66 -23.17 -31.02 6.78
CA LEU F 66 -22.70 -29.84 6.07
C LEU F 66 -23.82 -28.83 5.76
N ASN F 67 -24.95 -29.31 5.27
CA ASN F 67 -26.04 -28.41 4.93
C ASN F 67 -26.59 -27.76 6.17
N TYR F 68 -26.69 -28.53 7.25
CA TYR F 68 -27.22 -28.05 8.54
C TYR F 68 -26.29 -27.05 9.18
N ASP F 69 -25.00 -27.40 9.22
CA ASP F 69 -23.99 -26.47 9.71
C ASP F 69 -23.89 -25.19 8.92
N THR F 70 -23.96 -25.27 7.59
CA THR F 70 -23.90 -24.09 6.76
C THR F 70 -25.12 -23.20 6.97
N THR F 71 -26.32 -23.79 6.97
CA THR F 71 -27.56 -23.03 7.29
C THR F 71 -27.49 -22.33 8.67
N ALA F 72 -27.03 -23.08 9.67
CA ALA F 72 -26.97 -22.54 11.03
C ALA F 72 -25.98 -21.37 11.11
N LEU F 73 -24.82 -21.57 10.51
CA LEU F 73 -23.81 -20.53 10.47
C LEU F 73 -24.31 -19.24 9.79
N LEU F 74 -25.15 -19.36 8.76
CA LEU F 74 -25.61 -18.19 7.99
C LEU F 74 -26.91 -17.55 8.56
N SER F 75 -27.41 -18.11 9.65
CA SER F 75 -28.64 -17.68 10.28
C SER F 75 -28.38 -16.95 11.59
N ALA F 76 -29.08 -15.84 11.80
CA ALA F 76 -29.13 -15.19 13.12
C ALA F 76 -29.75 -16.09 14.18
N ALA F 77 -29.51 -15.76 15.44
CA ALA F 77 -29.93 -16.59 16.58
C ALA F 77 -31.35 -17.09 16.46
N SER F 78 -32.28 -16.17 16.24
CA SER F 78 -33.70 -16.52 16.23
C SER F 78 -34.01 -17.42 15.05
N VAL F 79 -33.36 -17.17 13.93
CA VAL F 79 -33.56 -17.99 12.73
C VAL F 79 -32.97 -19.37 12.93
N GLN F 80 -31.78 -19.45 13.52
CA GLN F 80 -31.21 -20.75 13.86
C GLN F 80 -32.22 -21.60 14.62
N GLN F 81 -32.87 -21.01 15.61
CA GLN F 81 -33.76 -21.76 16.49
C GLN F 81 -34.94 -22.27 15.70
N GLU F 82 -35.44 -21.46 14.78
CA GLU F 82 -36.54 -21.88 13.89
C GLU F 82 -36.08 -23.05 13.03
N TYR F 83 -34.92 -22.91 12.41
CA TYR F 83 -34.37 -24.00 11.61
C TYR F 83 -34.15 -25.30 12.39
N TYR F 84 -33.64 -25.23 13.62
CA TYR F 84 -33.34 -26.46 14.38
C TYR F 84 -34.62 -27.25 14.65
N LYS F 85 -35.76 -26.55 14.76
CA LYS F 85 -37.05 -27.19 14.99
C LYS F 85 -37.39 -28.20 13.90
N ILE F 86 -36.94 -27.93 12.66
CA ILE F 86 -37.20 -28.82 11.54
C ILE F 86 -36.53 -30.18 11.82
N TYR F 87 -35.45 -30.16 12.58
CA TYR F 87 -34.74 -31.38 12.93
C TYR F 87 -34.89 -31.78 14.41
N ASP F 88 -36.07 -31.55 14.95
CA ASP F 88 -36.31 -31.77 16.37
C ASP F 88 -37.56 -32.63 16.56
N GLY F 89 -37.54 -33.51 17.56
CA GLY F 89 -38.73 -34.26 17.96
C GLY F 89 -39.03 -35.45 17.06
N GLU F 90 -40.12 -36.15 17.39
CA GLU F 90 -40.56 -37.37 16.69
C GLU F 90 -40.71 -37.19 15.17
N ASN F 91 -41.19 -36.03 14.73
CA ASN F 91 -41.29 -35.73 13.29
C ASN F 91 -40.08 -34.99 12.73
N ALA F 92 -38.90 -35.08 13.36
CA ALA F 92 -37.73 -34.42 12.79
C ALA F 92 -37.51 -34.91 11.36
N ARG F 93 -37.15 -33.99 10.47
CA ARG F 93 -36.98 -34.31 9.06
C ARG F 93 -35.99 -35.48 8.82
N ASP F 94 -34.88 -35.49 9.54
CA ASP F 94 -33.90 -36.56 9.36
C ASP F 94 -34.37 -37.89 9.95
N LYS F 95 -35.30 -37.82 10.90
CA LYS F 95 -35.88 -39.05 11.44
C LYS F 95 -36.93 -39.58 10.48
N VAL F 96 -37.71 -38.67 9.88
CA VAL F 96 -38.75 -39.05 8.92
C VAL F 96 -38.13 -39.52 7.59
N LEU F 97 -37.21 -38.77 7.03
CA LEU F 97 -36.58 -39.12 5.74
C LEU F 97 -35.38 -40.04 5.81
N SER F 98 -34.69 -40.01 6.95
CA SER F 98 -33.42 -40.77 7.18
C SER F 98 -32.55 -40.84 5.93
N ASN F 99 -32.13 -42.04 5.52
CA ASN F 99 -31.25 -42.18 4.36
C ASN F 99 -31.97 -42.80 3.20
N LYS F 100 -33.30 -42.71 3.21
CA LYS F 100 -34.13 -43.36 2.20
C LYS F 100 -34.81 -42.40 1.25
N ALA F 101 -34.60 -41.11 1.46
CA ALA F 101 -35.13 -40.12 0.54
C ALA F 101 -34.23 -38.90 0.50
N ARG F 102 -34.29 -38.21 -0.62
CA ARG F 102 -33.61 -36.94 -0.84
C ARG F 102 -34.64 -35.90 -1.28
N ILE F 103 -34.30 -34.65 -1.01
CA ILE F 103 -35.03 -33.49 -1.54
C ILE F 103 -34.09 -32.61 -2.33
N THR F 104 -34.40 -32.37 -3.60
CA THR F 104 -33.58 -31.49 -4.40
C THR F 104 -34.29 -30.17 -4.55
N VAL F 105 -33.51 -29.12 -4.73
CA VAL F 105 -34.03 -27.76 -4.77
C VAL F 105 -33.55 -27.12 -6.04
N LYS F 106 -34.40 -26.30 -6.61
CA LYS F 106 -34.05 -25.46 -7.72
C LYS F 106 -34.62 -24.08 -7.46
N VAL F 107 -33.79 -23.05 -7.55
CA VAL F 107 -34.20 -21.67 -7.32
C VAL F 107 -34.64 -21.11 -8.66
N ARG F 108 -35.87 -20.62 -8.69
CA ARG F 108 -36.46 -20.06 -9.88
C ARG F 108 -36.14 -18.57 -10.03
N SER F 109 -36.21 -17.81 -8.94
CA SER F 109 -35.93 -16.40 -8.97
C SER F 109 -35.58 -15.85 -7.60
N ILE F 110 -34.76 -14.78 -7.60
CA ILE F 110 -34.37 -14.06 -6.42
C ILE F 110 -34.65 -12.61 -6.72
N GLN F 111 -35.55 -12.00 -5.95
CA GLN F 111 -35.90 -10.59 -6.05
C GLN F 111 -35.42 -9.89 -4.82
N LEU F 112 -34.71 -8.78 -5.02
CA LEU F 112 -34.20 -7.98 -3.94
C LEU F 112 -35.18 -6.86 -3.78
N ASN F 113 -35.59 -6.61 -2.55
CA ASN F 113 -36.77 -5.82 -2.28
C ASN F 113 -36.58 -4.41 -1.70
N GLY F 114 -35.43 -3.75 -1.81
CA GLY F 114 -34.15 -4.22 -1.37
C GLY F 114 -34.17 -3.89 0.13
N LEU F 115 -33.36 -2.92 0.57
CA LEU F 115 -33.17 -2.64 2.03
C LEU F 115 -32.95 -3.90 2.91
N GLY F 116 -32.13 -4.84 2.46
CA GLY F 116 -31.96 -6.08 3.22
C GLY F 116 -33.14 -7.04 3.21
N GLN F 117 -33.96 -6.96 2.16
CA GLN F 117 -35.16 -7.77 2.01
C GLN F 117 -35.06 -8.46 0.67
N ALA F 118 -35.53 -9.72 0.62
CA ALA F 118 -35.57 -10.47 -0.63
C ALA F 118 -36.73 -11.44 -0.64
N THR F 119 -37.08 -11.88 -1.84
CA THR F 119 -38.11 -12.87 -2.05
C THR F 119 -37.53 -13.88 -3.00
N VAL F 120 -37.49 -15.15 -2.61
CA VAL F 120 -36.87 -16.19 -3.44
C VAL F 120 -37.94 -17.20 -3.72
N ARG F 121 -38.15 -17.52 -4.99
CA ARG F 121 -39.12 -18.53 -5.37
C ARG F 121 -38.33 -19.73 -5.74
N PHE F 122 -38.72 -20.89 -5.21
CA PHE F 122 -37.94 -22.12 -5.43
C PHE F 122 -38.85 -23.32 -5.48
N THR F 123 -38.31 -24.40 -6.02
CA THR F 123 -39.04 -25.62 -6.18
C THR F 123 -38.29 -26.77 -5.53
N THR F 124 -39.01 -27.61 -4.78
CA THR F 124 -38.41 -28.81 -4.20
C THR F 124 -39.03 -30.07 -4.76
N GLN F 125 -38.24 -31.14 -4.81
CA GLN F 125 -38.72 -32.43 -5.27
C GLN F 125 -38.22 -33.57 -4.37
N GLN F 126 -39.13 -34.39 -3.86
CA GLN F 126 -38.71 -35.48 -3.04
C GLN F 126 -38.44 -36.65 -3.96
N LEU F 127 -37.39 -37.39 -3.62
CA LEU F 127 -36.88 -38.51 -4.40
C LEU F 127 -36.66 -39.67 -3.43
N ASP F 128 -36.87 -40.88 -3.93
CA ASP F 128 -36.80 -42.08 -3.08
C ASP F 128 -35.42 -42.71 -3.17
N SER F 129 -35.29 -43.93 -2.65
CA SER F 129 -34.05 -44.72 -2.68
C SER F 129 -33.37 -44.69 -4.04
N SER F 130 -34.16 -45.04 -5.06
CA SER F 130 -33.67 -45.19 -6.43
C SER F 130 -33.40 -43.87 -7.12
N GLY F 131 -34.06 -42.79 -6.65
CA GLY F 131 -34.03 -41.49 -7.31
C GLY F 131 -35.28 -41.23 -8.14
N ALA F 132 -36.29 -42.07 -7.99
CA ALA F 132 -37.58 -41.82 -8.65
C ALA F 132 -38.29 -40.72 -7.87
N THR F 133 -39.10 -39.94 -8.57
CA THR F 133 -39.80 -38.83 -7.94
C THR F 133 -40.90 -39.38 -7.03
N THR F 134 -41.19 -38.69 -5.94
CA THR F 134 -42.15 -39.14 -4.94
C THR F 134 -43.10 -37.99 -4.60
N GLY F 135 -44.25 -37.97 -5.25
CA GLY F 135 -45.10 -36.79 -5.19
C GLY F 135 -44.59 -35.72 -6.14
N PRO F 136 -45.41 -34.70 -6.35
CA PRO F 136 -45.09 -33.69 -7.34
C PRO F 136 -44.09 -32.66 -6.82
N LYS F 137 -43.54 -31.85 -7.72
CA LYS F 137 -42.81 -30.65 -7.37
C LYS F 137 -43.59 -29.77 -6.41
N GLN F 138 -42.91 -29.21 -5.42
CA GLN F 138 -43.51 -28.25 -4.50
C GLN F 138 -42.96 -26.86 -4.83
N HIS F 139 -43.79 -25.95 -5.30
CA HIS F 139 -43.36 -24.59 -5.52
C HIS F 139 -43.49 -23.84 -4.22
N GLN F 140 -42.40 -23.23 -3.78
CA GLN F 140 -42.36 -22.52 -2.51
C GLN F 140 -41.93 -21.08 -2.75
N ILE F 141 -42.20 -20.25 -1.77
CA ILE F 141 -41.75 -18.85 -1.82
C ILE F 141 -41.22 -18.56 -0.44
N ALA F 142 -40.06 -17.90 -0.34
CA ALA F 142 -39.55 -17.45 0.94
C ALA F 142 -39.31 -15.96 0.96
N THR F 143 -39.80 -15.27 1.99
CA THR F 143 -39.43 -13.90 2.20
C THR F 143 -38.36 -13.88 3.26
N ILE F 144 -37.34 -13.06 3.03
CA ILE F 144 -36.08 -13.19 3.75
C ILE F 144 -35.63 -11.81 4.11
N GLY F 145 -35.15 -11.63 5.34
CA GLY F 145 -34.40 -10.43 5.72
C GLY F 145 -32.96 -10.86 5.92
N TYR F 146 -32.01 -9.99 5.64
CA TYR F 146 -30.61 -10.34 5.77
C TYR F 146 -29.79 -9.12 5.99
N THR F 147 -28.62 -9.35 6.57
CA THR F 147 -27.60 -8.34 6.78
C THR F 147 -26.20 -8.98 6.82
N TYR F 148 -25.16 -8.19 7.00
CA TYR F 148 -23.83 -8.73 7.21
C TYR F 148 -23.23 -8.15 8.46
N VAL F 149 -22.60 -9.01 9.27
CA VAL F 149 -22.06 -8.62 10.57
C VAL F 149 -20.54 -8.67 10.66
N GLY F 150 -19.85 -9.05 9.59
CA GLY F 150 -18.39 -9.06 9.62
C GLY F 150 -17.86 -10.47 9.81
N ALA F 151 -16.58 -10.61 9.57
CA ALA F 151 -15.92 -11.90 9.56
C ALA F 151 -16.09 -12.63 10.90
N PRO F 152 -16.55 -13.88 10.88
CA PRO F 152 -16.60 -14.64 12.10
C PRO F 152 -15.22 -14.82 12.73
N MET F 153 -15.18 -15.00 14.03
CA MET F 153 -13.93 -15.15 14.73
C MET F 153 -13.39 -16.57 14.59
N LYS F 154 -14.28 -17.52 14.48
CA LYS F 154 -13.87 -18.91 14.39
C LYS F 154 -13.38 -19.24 12.97
N SER F 155 -12.21 -19.85 12.88
CA SER F 155 -11.56 -20.17 11.58
C SER F 155 -12.43 -20.94 10.55
N SER F 156 -13.08 -21.97 11.05
CA SER F 156 -13.81 -22.88 10.21
C SER F 156 -15.02 -22.15 9.67
N ASP F 157 -15.55 -21.23 10.49
CA ASP F 157 -16.71 -20.44 10.14
C ASP F 157 -16.33 -19.36 9.16
N ARG F 158 -15.16 -18.76 9.35
CA ARG F 158 -14.70 -17.69 8.49
C ARG F 158 -14.52 -18.23 7.05
N LEU F 159 -14.19 -19.50 6.98
CA LEU F 159 -13.92 -20.16 5.74
C LEU F 159 -15.18 -20.41 4.97
N LEU F 160 -16.31 -20.50 5.67
CA LEU F 160 -17.59 -20.71 5.04
C LEU F 160 -18.49 -19.46 4.97
N ASN F 161 -18.18 -18.44 5.76
CA ASN F 161 -19.00 -17.22 5.76
C ASN F 161 -18.13 -16.02 5.96
N PRO F 162 -17.30 -15.70 4.96
CA PRO F 162 -16.26 -14.74 5.09
C PRO F 162 -16.72 -13.33 5.45
N LEU F 163 -17.95 -12.99 5.07
CA LEU F 163 -18.42 -11.62 5.26
C LEU F 163 -19.35 -11.51 6.44
N GLY F 164 -19.63 -12.63 7.09
CA GLY F 164 -20.64 -12.69 8.11
C GLY F 164 -22.04 -12.46 7.57
N PHE F 165 -22.36 -12.96 6.39
CA PHE F 165 -23.76 -12.97 5.92
C PHE F 165 -24.66 -13.53 7.02
N GLN F 166 -25.78 -12.85 7.34
CA GLN F 166 -26.72 -13.32 8.34
C GLN F 166 -28.18 -13.16 7.89
N ILE F 167 -28.88 -14.28 7.88
CA ILE F 167 -30.31 -14.29 7.62
C ILE F 167 -31.01 -13.92 8.94
N THR F 168 -31.73 -12.79 8.96
CA THR F 168 -32.39 -12.32 10.18
C THR F 168 -33.85 -12.73 10.25
N SER F 169 -34.45 -13.03 9.12
CA SER F 169 -35.75 -13.69 9.09
C SER F 169 -35.92 -14.47 7.78
N TYR F 170 -36.64 -15.57 7.88
CA TYR F 170 -36.83 -16.48 6.75
C TYR F 170 -38.17 -17.15 6.96
N ARG F 171 -39.09 -16.86 6.07
CA ARG F 171 -40.47 -17.32 6.15
C ARG F 171 -40.82 -17.95 4.79
N SER F 172 -40.98 -19.25 4.81
CA SER F 172 -41.25 -20.05 3.65
C SER F 172 -42.69 -20.61 3.70
N ASP F 173 -43.36 -20.65 2.55
CA ASP F 173 -44.76 -21.22 2.45
C ASP F 173 -44.90 -21.74 1.01
N PRO F 174 -45.88 -22.63 0.76
CA PRO F 174 -46.20 -23.03 -0.60
C PRO F 174 -46.64 -21.82 -1.41
N GLU F 175 -46.12 -21.67 -2.61
CA GLU F 175 -46.49 -20.56 -3.47
C GLU F 175 -47.87 -20.80 -4.09
N ILE F 176 -48.74 -19.83 -3.89
CA ILE F 176 -50.11 -19.88 -4.42
C ILE F 176 -50.14 -19.18 -5.76
N LEU F 177 -50.67 -19.85 -6.78
CA LEU F 177 -50.83 -19.21 -8.07
C LEU F 177 -52.31 -19.13 -8.27
N LEU F 178 -52.84 -17.90 -8.22
CA LEU F 178 -54.27 -17.67 -8.32
C LEU F 178 -54.70 -17.63 -9.78
N ASN F 179 -53.82 -17.12 -10.65
CA ASN F 179 -54.15 -16.82 -12.05
C ASN F 179 -53.78 -17.95 -13.00
CA CA G . -13.59 17.41 16.19
CA CA H . 38.02 22.16 -2.60
CA CA I . -25.31 -44.53 0.90
CA CA J . -26.27 -38.74 -1.56
#